data_2HA3
#
_entry.id   2HA3
#
_cell.length_a   79.257
_cell.length_b   111.742
_cell.length_c   226.981
_cell.angle_alpha   90.000
_cell.angle_beta   90.000
_cell.angle_gamma   90.000
#
_symmetry.space_group_name_H-M   'P 21 21 21'
#
loop_
_entity.id
_entity.type
_entity.pdbx_description
1 polymer Acetylcholinesterase
2 branched alpha-L-fucopyranose-(1-6)-2-acetamido-2-deoxy-beta-D-glucopyranose
3 non-polymer 2-acetamido-2-deoxy-beta-D-glucopyranose
4 non-polymer 'HEXAETHYLENE GLYCOL'
5 non-polymer 'CHOLINE ION'
6 water water
#
_entity_poly.entity_id   1
_entity_poly.type   'polypeptide(L)'
_entity_poly.pdbx_seq_one_letter_code
;EGREDPQLLVRVRGGQLRGIRLKAPGGPVSAFLGIPFAEPPVGSRRFMPPEPKRPWSGVLDATTFQNVCYQYVDTLYPGF
EGTEMWNPNRELSEDCLYLNVWTPYPRPASPTPVLIWIYGGGFYSGAASLDVYDGRFLAQVEGAVLVSMNYRVGTFGFLA
LPGSREAPGNVGLLDQRLALQWVQENIAAFGGDPMSVTLFGESAGAASVGMHILSLPSRSLFHRAVLQSGTPNGPWATVS
AGEARRRATLLARLVGCPPGGAGGNDTELIACLRTRPAQDLVDHEWHVLPQESIFRFSFVPVVDGDFLSDTPEALINTGD
FQDLQVLVGVVKDEGSYFLVYGVPGFSKDNESLISRAQFLAGVRIGVPQASDLAAEAVVLHYTDWLHPEDPTHLRDAMSA
VVGDHNVVCPVAQLAGRLAAQGARVYAYIFEHRASTLTWPLWMGVPHGYEIEFIFGLPLDPSLNYTTEERIFAQRLMKYW
TNFARTGDPNDPRDSKSPQWPPYTTAAQQYVSLNLKPLEVRRGLRAQTCAFWNRFLPKLLSAT
;
_entity_poly.pdbx_strand_id   A,B
#
# COMPACT_ATOMS: atom_id res chain seq x y z
N GLU A 1 45.83 -36.37 -37.76
CA GLU A 1 46.28 -36.23 -36.35
C GLU A 1 47.58 -36.97 -36.17
N GLY A 2 48.20 -36.81 -34.99
CA GLY A 2 49.46 -37.47 -34.68
C GLY A 2 50.39 -36.59 -33.86
N ARG A 3 50.38 -35.29 -34.17
CA ARG A 3 51.27 -34.28 -33.60
C ARG A 3 50.60 -33.39 -32.53
N GLU A 4 49.27 -33.44 -32.44
CA GLU A 4 48.49 -32.58 -31.54
C GLU A 4 48.21 -33.20 -30.17
N ASP A 5 47.62 -32.38 -29.29
CA ASP A 5 47.23 -32.77 -27.94
C ASP A 5 46.13 -33.83 -28.00
N PRO A 6 46.43 -35.07 -27.57
CA PRO A 6 45.43 -36.14 -27.67
C PRO A 6 44.22 -35.90 -26.75
N GLN A 7 44.38 -35.00 -25.79
CA GLN A 7 43.36 -34.75 -24.81
C GLN A 7 42.34 -33.71 -25.28
N LEU A 8 42.46 -33.27 -26.54
CA LEU A 8 41.55 -32.28 -27.12
C LEU A 8 40.75 -32.76 -28.34
N LEU A 9 40.81 -34.06 -28.63
CA LEU A 9 40.11 -34.63 -29.78
C LEU A 9 38.91 -35.43 -29.30
N VAL A 10 37.74 -35.10 -29.81
CA VAL A 10 36.48 -35.67 -29.36
C VAL A 10 35.56 -35.89 -30.57
N ARG A 11 34.81 -36.98 -30.56
CA ARG A 11 33.80 -37.22 -31.57
C ARG A 11 32.40 -36.97 -31.01
N VAL A 12 31.57 -36.29 -31.80
CA VAL A 12 30.14 -36.15 -31.53
C VAL A 12 29.35 -36.77 -32.70
N ARG A 13 28.02 -36.78 -32.59
CA ARG A 13 27.14 -37.37 -33.61
C ARG A 13 27.43 -36.87 -35.03
N GLY A 14 27.75 -35.58 -35.16
CA GLY A 14 28.03 -34.98 -36.47
C GLY A 14 29.43 -35.21 -36.99
N GLY A 15 30.34 -35.64 -36.10
CA GLY A 15 31.73 -35.86 -36.50
C GLY A 15 32.77 -35.51 -35.45
N GLN A 16 34.01 -35.38 -35.92
CA GLN A 16 35.18 -35.17 -35.05
C GLN A 16 35.41 -33.71 -34.77
N LEU A 17 35.82 -33.38 -33.54
CA LEU A 17 36.09 -31.98 -33.14
C LEU A 17 37.48 -31.85 -32.53
N ARG A 18 38.11 -30.70 -32.71
CA ARG A 18 39.33 -30.37 -31.98
C ARG A 18 39.10 -29.10 -31.16
N GLY A 19 39.30 -29.22 -29.85
CA GLY A 19 39.18 -28.09 -28.94
C GLY A 19 40.51 -27.41 -28.65
N ILE A 20 40.50 -26.58 -27.62
CA ILE A 20 41.67 -25.81 -27.22
C ILE A 20 41.85 -25.87 -25.70
N ARG A 21 43.10 -26.00 -25.27
CA ARG A 21 43.46 -25.97 -23.85
C ARG A 21 43.56 -24.50 -23.43
N LEU A 22 42.69 -24.07 -22.53
CA LEU A 22 42.68 -22.71 -22.02
C LEU A 22 43.22 -22.65 -20.60
N LYS A 23 43.79 -21.50 -20.23
CA LYS A 23 44.33 -21.28 -18.89
C LYS A 23 43.28 -20.62 -18.02
N ALA A 24 42.96 -21.25 -16.90
CA ALA A 24 42.23 -20.60 -15.80
C ALA A 24 43.25 -20.39 -14.69
N PRO A 25 42.96 -19.48 -13.75
CA PRO A 25 43.91 -19.18 -12.68
C PRO A 25 44.46 -20.40 -11.96
N GLY A 26 43.61 -21.37 -11.66
CA GLY A 26 44.05 -22.54 -10.92
C GLY A 26 44.59 -23.69 -11.75
N GLY A 27 44.48 -23.60 -13.08
CA GLY A 27 44.91 -24.67 -13.98
C GLY A 27 44.25 -24.63 -15.35
N PRO A 28 44.59 -25.60 -16.23
CA PRO A 28 44.00 -25.69 -17.57
C PRO A 28 42.55 -26.19 -17.59
N VAL A 29 41.80 -25.77 -18.60
CA VAL A 29 40.49 -26.32 -18.90
C VAL A 29 40.42 -26.66 -20.38
N SER A 30 39.49 -27.56 -20.75
CA SER A 30 39.24 -27.88 -22.15
C SER A 30 38.08 -27.03 -22.66
N ALA A 31 38.24 -26.43 -23.83
CA ALA A 31 37.16 -25.66 -24.42
C ALA A 31 36.90 -26.16 -25.84
N PHE A 32 35.63 -26.35 -26.15
CA PHE A 32 35.17 -26.68 -27.49
C PHE A 32 34.19 -25.62 -27.92
N LEU A 33 34.67 -24.67 -28.70
CA LEU A 33 33.92 -23.47 -29.00
C LEU A 33 33.47 -23.46 -30.46
N GLY A 34 32.22 -23.05 -30.67
CA GLY A 34 31.69 -22.92 -32.03
C GLY A 34 31.31 -24.23 -32.67
N ILE A 35 30.77 -25.15 -31.87
CA ILE A 35 30.24 -26.41 -32.40
C ILE A 35 28.86 -26.14 -33.03
N PRO A 36 28.72 -26.41 -34.34
CA PRO A 36 27.41 -26.19 -34.98
C PRO A 36 26.36 -27.20 -34.52
N PHE A 37 25.18 -26.75 -34.12
CA PHE A 37 24.12 -27.69 -33.72
C PHE A 37 22.89 -27.65 -34.63
N ALA A 38 22.90 -26.75 -35.61
CA ALA A 38 21.81 -26.62 -36.58
C ALA A 38 22.37 -26.31 -37.96
N GLU A 39 21.62 -26.63 -39.00
CA GLU A 39 21.90 -26.06 -40.32
C GLU A 39 21.72 -24.56 -40.24
N PRO A 40 22.62 -23.79 -40.88
CA PRO A 40 22.50 -22.34 -40.85
C PRO A 40 21.09 -21.87 -41.26
N PRO A 41 20.41 -21.13 -40.37
CA PRO A 41 19.04 -20.70 -40.63
C PRO A 41 18.94 -19.50 -41.55
N VAL A 42 19.54 -19.63 -42.73
CA VAL A 42 19.68 -18.53 -43.67
C VAL A 42 18.78 -18.75 -44.89
N GLY A 43 18.54 -17.68 -45.64
CA GLY A 43 17.81 -17.77 -46.90
C GLY A 43 16.38 -18.19 -46.68
N SER A 44 15.99 -19.30 -47.27
CA SER A 44 14.62 -19.81 -47.15
C SER A 44 14.32 -20.30 -45.74
N ARG A 45 15.37 -20.52 -44.93
CA ARG A 45 15.21 -21.00 -43.56
C ARG A 45 14.96 -19.88 -42.55
N ARG A 46 15.08 -18.63 -42.96
CA ARG A 46 14.82 -17.51 -42.05
C ARG A 46 13.37 -17.58 -41.54
N PHE A 47 13.20 -17.39 -40.24
CA PHE A 47 11.90 -17.49 -39.54
C PHE A 47 11.41 -18.91 -39.30
N MET A 48 12.13 -19.91 -39.81
CA MET A 48 11.69 -21.30 -39.70
C MET A 48 12.36 -22.04 -38.54
N PRO A 49 11.69 -23.08 -38.01
CA PRO A 49 12.30 -23.93 -36.99
C PRO A 49 13.69 -24.41 -37.40
N PRO A 50 14.59 -24.59 -36.43
CA PRO A 50 15.92 -25.05 -36.77
C PRO A 50 15.90 -26.51 -37.21
N GLU A 51 16.78 -26.86 -38.14
CA GLU A 51 17.02 -28.24 -38.52
C GLU A 51 18.37 -28.67 -37.97
N PRO A 52 18.45 -29.90 -37.44
CA PRO A 52 19.72 -30.39 -36.92
C PRO A 52 20.87 -30.34 -37.91
N LYS A 53 22.05 -30.06 -37.41
CA LYS A 53 23.25 -30.01 -38.22
C LYS A 53 23.51 -31.36 -38.85
N ARG A 54 23.65 -31.38 -40.17
CA ARG A 54 24.11 -32.57 -40.88
C ARG A 54 25.60 -32.86 -40.58
N PRO A 55 25.96 -34.16 -40.50
CA PRO A 55 27.35 -34.49 -40.19
C PRO A 55 28.34 -33.93 -41.20
N TRP A 56 29.54 -33.63 -40.72
CA TRP A 56 30.62 -33.08 -41.54
C TRP A 56 31.74 -34.12 -41.67
N SER A 57 32.60 -33.95 -42.67
CA SER A 57 33.76 -34.82 -42.79
C SER A 57 34.99 -34.14 -42.18
N GLY A 58 35.92 -34.96 -41.70
CA GLY A 58 37.16 -34.45 -41.11
C GLY A 58 36.98 -33.86 -39.71
N VAL A 59 38.01 -33.19 -39.23
CA VAL A 59 38.02 -32.67 -37.88
C VAL A 59 37.55 -31.22 -37.94
N LEU A 60 36.44 -30.92 -37.28
CA LEU A 60 35.94 -29.55 -37.24
C LEU A 60 36.75 -28.79 -36.19
N ASP A 61 37.27 -27.62 -36.57
CA ASP A 61 37.98 -26.82 -35.58
C ASP A 61 37.01 -26.17 -34.59
N ALA A 62 37.12 -26.54 -33.31
CA ALA A 62 36.27 -25.97 -32.26
C ALA A 62 37.13 -25.19 -31.24
N THR A 63 37.98 -24.30 -31.77
CA THR A 63 38.95 -23.56 -30.95
C THR A 63 38.63 -22.08 -30.78
N THR A 64 37.64 -21.55 -31.51
CA THR A 64 37.26 -20.15 -31.40
C THR A 64 35.76 -20.00 -31.40
N PHE A 65 35.26 -18.94 -30.75
CA PHE A 65 33.82 -18.62 -30.79
C PHE A 65 33.37 -18.35 -32.22
N GLN A 66 32.13 -18.72 -32.50
CA GLN A 66 31.54 -18.46 -33.80
C GLN A 66 30.77 -17.15 -33.85
N ASN A 67 30.04 -16.93 -34.95
CA ASN A 67 29.27 -15.72 -35.18
C ASN A 67 28.19 -15.52 -34.12
N VAL A 68 27.96 -14.25 -33.81
CA VAL A 68 26.84 -13.82 -33.00
C VAL A 68 25.60 -13.67 -33.90
N CYS A 69 24.44 -14.03 -33.37
CA CYS A 69 23.20 -13.94 -34.13
C CYS A 69 22.89 -12.48 -34.39
N TYR A 70 22.38 -12.22 -35.59
CA TYR A 70 22.16 -10.85 -36.05
C TYR A 70 21.24 -10.10 -35.10
N GLN A 71 21.65 -8.89 -34.74
CA GLN A 71 21.00 -8.18 -33.67
C GLN A 71 21.32 -6.70 -33.65
N TYR A 72 20.47 -5.98 -32.93
CA TYR A 72 20.65 -4.58 -32.60
C TYR A 72 21.89 -4.41 -31.72
N VAL A 73 22.71 -3.42 -32.05
CA VAL A 73 23.92 -3.11 -31.29
C VAL A 73 23.75 -1.75 -30.56
N ASP A 74 23.89 -1.77 -29.25
CA ASP A 74 23.67 -0.58 -28.42
C ASP A 74 24.73 0.49 -28.64
N THR A 75 24.27 1.71 -28.90
CA THR A 75 25.19 2.86 -29.03
C THR A 75 24.78 4.09 -28.17
N LEU A 76 24.03 3.85 -27.09
CA LEU A 76 23.63 4.92 -26.16
C LEU A 76 24.85 5.63 -25.54
N TYR A 77 25.85 4.84 -25.13
CA TYR A 77 27.05 5.36 -24.46
C TYR A 77 28.34 4.80 -25.08
N PRO A 78 28.79 5.40 -26.19
CA PRO A 78 30.06 5.07 -26.87
C PRO A 78 31.29 4.99 -25.95
N GLY A 79 32.02 3.88 -26.02
CA GLY A 79 33.26 3.71 -25.27
C GLY A 79 33.04 3.25 -23.84
N PHE A 80 31.78 3.17 -23.43
CA PHE A 80 31.40 2.91 -22.05
C PHE A 80 31.29 1.43 -21.84
N GLU A 81 32.09 0.89 -20.92
CA GLU A 81 32.14 -0.55 -20.72
C GLU A 81 30.82 -1.09 -20.15
N GLY A 82 30.15 -0.28 -19.34
CA GLY A 82 28.87 -0.65 -18.76
C GLY A 82 27.87 -1.13 -19.80
N THR A 83 27.86 -0.49 -20.97
CA THR A 83 27.01 -0.92 -22.06
C THR A 83 27.73 -1.92 -23.00
N GLU A 84 29.01 -1.70 -23.23
CA GLU A 84 29.72 -2.42 -24.29
C GLU A 84 30.10 -3.84 -23.91
N MET A 85 30.17 -4.15 -22.63
CA MET A 85 30.35 -5.53 -22.20
C MET A 85 29.21 -6.46 -22.68
N TRP A 86 28.06 -5.90 -23.02
CA TRP A 86 26.93 -6.69 -23.49
C TRP A 86 26.80 -6.78 -25.01
N ASN A 87 27.58 -5.96 -25.72
CA ASN A 87 27.52 -5.92 -27.19
C ASN A 87 28.22 -7.11 -27.86
N PRO A 88 27.82 -7.44 -29.10
CA PRO A 88 28.43 -8.56 -29.83
C PRO A 88 29.94 -8.44 -29.85
N ASN A 89 30.63 -9.55 -29.66
CA ASN A 89 32.09 -9.55 -29.68
C ASN A 89 32.66 -10.41 -30.79
N ARG A 90 31.78 -10.84 -31.71
CA ARG A 90 32.15 -11.57 -32.93
C ARG A 90 31.20 -11.13 -34.04
N GLU A 91 31.52 -11.49 -35.28
CA GLU A 91 30.73 -11.07 -36.42
C GLU A 91 29.24 -11.36 -36.28
N LEU A 92 28.41 -10.40 -36.67
CA LEU A 92 26.96 -10.61 -36.74
C LEU A 92 26.63 -11.31 -38.03
N SER A 93 25.89 -12.42 -37.91
CA SER A 93 25.46 -13.20 -39.06
C SER A 93 24.20 -13.97 -38.67
N GLU A 94 23.37 -14.27 -39.67
CA GLU A 94 22.24 -15.20 -39.49
C GLU A 94 22.74 -16.64 -39.34
N ASP A 95 23.94 -16.92 -39.83
CA ASP A 95 24.60 -18.20 -39.61
C ASP A 95 25.29 -18.12 -38.26
N CYS A 96 24.55 -18.52 -37.22
CA CYS A 96 24.96 -18.25 -35.84
C CYS A 96 24.62 -19.35 -34.84
N LEU A 97 24.11 -20.48 -35.32
CA LEU A 97 23.59 -21.53 -34.44
C LEU A 97 24.70 -22.50 -34.05
N TYR A 98 25.50 -22.06 -33.10
CA TYR A 98 26.69 -22.76 -32.63
C TYR A 98 26.65 -22.76 -31.12
N LEU A 99 27.18 -23.81 -30.50
CA LEU A 99 27.27 -23.89 -29.03
C LEU A 99 28.71 -24.13 -28.56
N ASN A 100 28.91 -23.96 -27.25
CA ASN A 100 30.21 -24.00 -26.59
C ASN A 100 30.19 -24.95 -25.38
N VAL A 101 31.29 -25.68 -25.18
CA VAL A 101 31.42 -26.60 -24.04
C VAL A 101 32.75 -26.35 -23.32
N TRP A 102 32.70 -26.13 -22.02
CA TRP A 102 33.91 -26.12 -21.19
C TRP A 102 33.86 -27.31 -20.26
N THR A 103 35.03 -27.92 -20.06
CA THR A 103 35.15 -29.05 -19.17
C THR A 103 36.51 -28.97 -18.52
N PRO A 104 36.71 -29.70 -17.41
CA PRO A 104 38.04 -29.88 -16.86
C PRO A 104 39.05 -30.42 -17.88
N TYR A 105 40.33 -30.25 -17.57
CA TYR A 105 41.43 -30.76 -18.37
C TYR A 105 42.38 -31.49 -17.43
N PRO A 106 42.61 -32.80 -17.65
CA PRO A 106 41.94 -33.63 -18.65
C PRO A 106 40.45 -33.80 -18.36
N ARG A 107 39.69 -34.20 -19.38
CA ARG A 107 38.24 -34.38 -19.23
C ARG A 107 37.93 -35.35 -18.11
N PRO A 108 36.80 -35.13 -17.41
CA PRO A 108 36.43 -36.02 -16.29
C PRO A 108 36.29 -37.48 -16.71
N ALA A 109 36.70 -38.40 -15.85
CA ALA A 109 36.61 -39.83 -16.16
C ALA A 109 35.25 -40.43 -15.76
N SER A 110 34.53 -39.76 -14.86
CA SER A 110 33.20 -40.19 -14.45
C SER A 110 32.17 -39.09 -14.80
N PRO A 111 30.91 -39.49 -15.10
CA PRO A 111 29.83 -38.57 -15.52
C PRO A 111 29.64 -37.36 -14.60
N THR A 112 29.85 -36.16 -15.13
CA THR A 112 29.80 -34.94 -14.36
C THR A 112 28.52 -34.16 -14.67
N PRO A 113 27.81 -33.68 -13.63
CA PRO A 113 26.67 -32.80 -13.80
C PRO A 113 26.91 -31.64 -14.78
N VAL A 114 25.92 -31.37 -15.62
CA VAL A 114 26.02 -30.39 -16.68
C VAL A 114 25.23 -29.12 -16.33
N LEU A 115 25.86 -27.95 -16.53
CA LEU A 115 25.16 -26.67 -16.44
C LEU A 115 25.01 -26.07 -17.85
N ILE A 116 23.79 -25.67 -18.21
CA ILE A 116 23.56 -25.06 -19.50
C ILE A 116 23.07 -23.62 -19.32
N TRP A 117 23.89 -22.69 -19.82
CA TRP A 117 23.61 -21.26 -19.78
C TRP A 117 22.82 -20.77 -20.97
N ILE A 118 21.75 -20.03 -20.69
CA ILE A 118 20.97 -19.33 -21.69
C ILE A 118 21.02 -17.82 -21.44
N TYR A 119 21.66 -17.08 -22.35
CA TYR A 119 21.84 -15.64 -22.17
C TYR A 119 20.54 -14.87 -22.30
N GLY A 120 20.56 -13.67 -21.69
CA GLY A 120 19.48 -12.70 -21.78
C GLY A 120 19.86 -11.57 -22.75
N GLY A 121 19.08 -10.50 -22.74
CA GLY A 121 19.18 -9.44 -23.77
C GLY A 121 17.84 -9.14 -24.44
N GLY A 122 16.76 -9.35 -23.69
CA GLY A 122 15.41 -8.98 -24.08
C GLY A 122 14.83 -9.71 -25.27
N PHE A 123 15.44 -10.85 -25.63
CA PHE A 123 15.09 -11.61 -26.82
C PHE A 123 15.46 -10.88 -28.12
N TYR A 124 16.21 -9.76 -28.01
CA TYR A 124 16.68 -8.99 -29.19
C TYR A 124 18.22 -8.93 -29.28
N SER A 125 18.90 -9.49 -28.28
CA SER A 125 20.34 -9.39 -28.21
C SER A 125 20.95 -10.49 -27.37
N GLY A 126 22.28 -10.53 -27.41
CA GLY A 126 23.07 -11.44 -26.60
C GLY A 126 23.95 -12.37 -27.41
N ALA A 127 24.86 -13.02 -26.71
CA ALA A 127 25.77 -14.00 -27.30
C ALA A 127 26.38 -14.85 -26.19
N ALA A 128 26.60 -16.13 -26.48
CA ALA A 128 27.27 -17.03 -25.56
C ALA A 128 28.78 -16.77 -25.48
N SER A 129 29.29 -15.94 -26.38
CA SER A 129 30.72 -15.67 -26.45
C SER A 129 31.17 -14.49 -25.57
N LEU A 130 30.27 -13.82 -24.88
CA LEU A 130 30.64 -12.67 -24.05
C LEU A 130 31.52 -13.09 -22.88
N ASP A 131 32.44 -12.20 -22.49
CA ASP A 131 33.44 -12.52 -21.46
C ASP A 131 32.80 -12.89 -20.11
N VAL A 132 31.65 -12.32 -19.79
CA VAL A 132 31.02 -12.59 -18.48
C VAL A 132 30.35 -13.95 -18.41
N TYR A 133 30.21 -14.61 -19.56
CA TYR A 133 29.67 -15.96 -19.63
C TYR A 133 30.80 -16.98 -19.83
N ASP A 134 32.03 -16.61 -19.50
CA ASP A 134 33.20 -17.49 -19.67
C ASP A 134 33.13 -18.68 -18.70
N GLY A 135 33.03 -19.89 -19.25
CA GLY A 135 32.86 -21.11 -18.44
C GLY A 135 34.10 -21.69 -17.76
N ARG A 136 35.26 -21.10 -17.99
CA ARG A 136 36.52 -21.71 -17.56
C ARG A 136 36.64 -21.85 -16.04
N PHE A 137 36.07 -20.90 -15.28
CA PHE A 137 36.26 -20.88 -13.84
C PHE A 137 35.40 -21.94 -13.16
N LEU A 138 34.15 -22.06 -13.59
CA LEU A 138 33.27 -23.12 -13.11
C LEU A 138 33.83 -24.49 -13.47
N ALA A 139 34.29 -24.62 -14.72
CA ALA A 139 34.98 -25.82 -15.19
C ALA A 139 36.19 -26.17 -14.32
N GLN A 140 37.10 -25.20 -14.14
CA GLN A 140 38.34 -25.47 -13.42
C GLN A 140 38.09 -25.68 -11.93
N VAL A 141 37.39 -24.74 -11.29
CA VAL A 141 37.31 -24.73 -9.83
C VAL A 141 36.31 -25.75 -9.30
N GLU A 142 35.15 -25.85 -9.95
CA GLU A 142 34.09 -26.75 -9.51
C GLU A 142 34.03 -28.05 -10.29
N GLY A 143 34.85 -28.17 -11.34
CA GLY A 143 34.84 -29.38 -12.18
C GLY A 143 33.57 -29.54 -13.00
N ALA A 144 32.90 -28.43 -13.29
CA ALA A 144 31.63 -28.44 -14.01
C ALA A 144 31.84 -28.72 -15.47
N VAL A 145 30.88 -29.38 -16.10
CA VAL A 145 30.77 -29.32 -17.56
C VAL A 145 29.79 -28.20 -17.89
N LEU A 146 30.23 -27.18 -18.61
CA LEU A 146 29.36 -26.05 -18.92
C LEU A 146 29.13 -25.89 -20.42
N VAL A 147 27.87 -25.72 -20.80
CA VAL A 147 27.48 -25.57 -22.18
C VAL A 147 26.68 -24.28 -22.34
N SER A 148 26.96 -23.55 -23.41
CA SER A 148 26.17 -22.36 -23.78
C SER A 148 25.93 -22.36 -25.28
N MET A 149 24.76 -21.88 -25.68
CA MET A 149 24.38 -21.87 -27.08
C MET A 149 23.96 -20.47 -27.50
N ASN A 150 24.23 -20.16 -28.77
CA ASN A 150 23.63 -19.01 -29.43
C ASN A 150 22.22 -19.44 -29.85
N TYR A 151 21.26 -18.53 -29.77
CA TYR A 151 19.92 -18.75 -30.28
C TYR A 151 19.46 -17.46 -30.97
N ARG A 152 18.65 -17.59 -32.02
CA ARG A 152 18.21 -16.42 -32.77
C ARG A 152 17.41 -15.46 -31.91
N VAL A 153 17.59 -14.17 -32.18
CA VAL A 153 16.95 -13.12 -31.40
C VAL A 153 16.29 -12.15 -32.37
N GLY A 154 15.46 -11.26 -31.83
CA GLY A 154 14.79 -10.23 -32.62
C GLY A 154 13.79 -10.86 -33.59
N THR A 155 13.65 -10.26 -34.77
CA THR A 155 12.78 -10.78 -35.81
C THR A 155 13.17 -12.22 -36.19
N PHE A 156 14.47 -12.45 -36.34
CA PHE A 156 14.99 -13.75 -36.82
C PHE A 156 14.58 -14.91 -35.92
N GLY A 157 14.52 -14.64 -34.63
CA GLY A 157 14.15 -15.65 -33.65
C GLY A 157 12.70 -15.66 -33.25
N PHE A 158 12.01 -14.52 -33.37
CA PHE A 158 10.69 -14.37 -32.76
C PHE A 158 9.59 -13.72 -33.57
N LEU A 159 9.90 -13.20 -34.75
CA LEU A 159 8.83 -12.70 -35.63
C LEU A 159 7.92 -13.87 -35.99
N ALA A 160 6.62 -13.67 -35.82
CA ALA A 160 5.64 -14.74 -35.96
C ALA A 160 4.41 -14.26 -36.70
N LEU A 161 3.96 -15.08 -37.65
CA LEU A 161 2.59 -15.00 -38.16
C LEU A 161 1.86 -16.23 -37.66
N PRO A 162 1.28 -16.12 -36.46
CA PRO A 162 0.80 -17.33 -35.79
C PRO A 162 -0.22 -18.10 -36.61
N GLY A 163 0.01 -19.41 -36.73
CA GLY A 163 -0.84 -20.27 -37.52
C GLY A 163 -0.28 -20.56 -38.90
N SER A 164 0.67 -19.74 -39.35
CA SER A 164 1.31 -19.95 -40.65
C SER A 164 2.29 -21.10 -40.58
N ARG A 165 2.67 -21.61 -41.74
CA ARG A 165 3.68 -22.66 -41.83
C ARG A 165 5.08 -22.03 -41.78
N GLU A 166 5.23 -20.87 -42.41
CA GLU A 166 6.55 -20.29 -42.70
C GLU A 166 7.18 -19.41 -41.59
N ALA A 167 6.34 -18.86 -40.72
CA ALA A 167 6.81 -18.06 -39.59
C ALA A 167 5.93 -18.40 -38.38
N PRO A 168 6.12 -19.61 -37.83
CA PRO A 168 5.22 -20.11 -36.78
C PRO A 168 5.39 -19.45 -35.42
N GLY A 169 6.49 -18.73 -35.21
CA GLY A 169 6.80 -18.16 -33.90
C GLY A 169 7.67 -19.07 -33.03
N ASN A 170 8.35 -18.46 -32.06
CA ASN A 170 9.12 -19.17 -31.03
C ASN A 170 10.34 -19.97 -31.52
N VAL A 171 10.83 -19.67 -32.71
CA VAL A 171 11.90 -20.47 -33.28
C VAL A 171 13.23 -20.30 -32.51
N GLY A 172 13.45 -19.13 -31.90
CA GLY A 172 14.59 -18.94 -31.00
C GLY A 172 14.59 -19.87 -29.78
N LEU A 173 13.40 -20.20 -29.29
CA LEU A 173 13.22 -21.17 -28.22
C LEU A 173 13.46 -22.58 -28.73
N LEU A 174 13.15 -22.80 -30.00
CA LEU A 174 13.37 -24.09 -30.65
C LEU A 174 14.86 -24.30 -30.89
N ASP A 175 15.61 -23.23 -31.14
CA ASP A 175 17.07 -23.30 -31.23
C ASP A 175 17.64 -23.75 -29.90
N GLN A 176 17.19 -23.11 -28.83
CA GLN A 176 17.61 -23.50 -27.49
C GLN A 176 17.34 -24.98 -27.26
N ARG A 177 16.14 -25.41 -27.60
CA ARG A 177 15.73 -26.81 -27.39
C ARG A 177 16.58 -27.79 -28.19
N LEU A 178 16.93 -27.43 -29.42
CA LEU A 178 17.81 -28.26 -30.24
C LEU A 178 19.18 -28.42 -29.58
N ALA A 179 19.71 -27.35 -28.98
CA ALA A 179 20.94 -27.41 -28.21
C ALA A 179 20.78 -28.33 -26.99
N LEU A 180 19.61 -28.31 -26.35
CA LEU A 180 19.36 -29.20 -25.21
C LEU A 180 19.36 -30.66 -25.68
N GLN A 181 18.80 -30.91 -26.86
CA GLN A 181 18.78 -32.24 -27.43
C GLN A 181 20.20 -32.67 -27.78
N TRP A 182 20.97 -31.74 -28.30
CA TRP A 182 22.36 -32.00 -28.60
C TRP A 182 23.13 -32.42 -27.36
N VAL A 183 22.86 -31.77 -26.23
CA VAL A 183 23.54 -32.11 -25.00
C VAL A 183 23.16 -33.54 -24.60
N GLN A 184 21.89 -33.89 -24.71
CA GLN A 184 21.45 -35.26 -24.35
C GLN A 184 22.18 -36.31 -25.17
N GLU A 185 22.33 -36.06 -26.47
CA GLU A 185 22.97 -37.04 -27.32
C GLU A 185 24.49 -37.08 -27.14
N ASN A 186 25.13 -35.92 -26.96
CA ASN A 186 26.59 -35.82 -27.14
C ASN A 186 27.44 -35.53 -25.93
N ILE A 187 26.86 -35.01 -24.85
CA ILE A 187 27.66 -34.46 -23.75
C ILE A 187 28.48 -35.55 -23.00
N ALA A 188 28.02 -36.80 -23.05
CA ALA A 188 28.79 -37.90 -22.46
C ALA A 188 30.14 -38.06 -23.16
N ALA A 189 30.25 -37.64 -24.41
CA ALA A 189 31.53 -37.66 -25.12
C ALA A 189 32.58 -36.77 -24.44
N PHE A 190 32.13 -35.78 -23.66
CA PHE A 190 33.03 -34.82 -22.99
C PHE A 190 33.16 -35.11 -21.50
N GLY A 191 32.56 -36.21 -21.05
CA GLY A 191 32.52 -36.55 -19.63
C GLY A 191 31.31 -36.01 -18.87
N GLY A 192 30.34 -35.44 -19.59
CA GLY A 192 29.14 -34.90 -18.98
C GLY A 192 28.07 -35.95 -18.79
N ASP A 193 27.20 -35.73 -17.79
CA ASP A 193 26.14 -36.68 -17.42
C ASP A 193 24.82 -36.16 -17.95
N PRO A 194 24.26 -36.79 -19.00
CA PRO A 194 22.97 -36.30 -19.51
C PRO A 194 21.77 -36.51 -18.56
N MET A 195 21.95 -37.37 -17.55
CA MET A 195 20.95 -37.54 -16.50
C MET A 195 21.05 -36.49 -15.38
N SER A 196 21.97 -35.53 -15.51
CA SER A 196 22.05 -34.41 -14.58
C SER A 196 22.38 -33.11 -15.30
N VAL A 197 21.33 -32.44 -15.74
CA VAL A 197 21.39 -31.25 -16.58
C VAL A 197 20.56 -30.17 -15.90
N THR A 198 21.23 -29.08 -15.55
CA THR A 198 20.61 -27.92 -14.93
C THR A 198 20.69 -26.74 -15.91
N LEU A 199 19.56 -26.12 -16.20
CA LEU A 199 19.55 -24.91 -17.01
C LEU A 199 19.72 -23.71 -16.11
N PHE A 200 20.49 -22.72 -16.58
CA PHE A 200 20.48 -21.43 -15.94
C PHE A 200 20.58 -20.27 -16.92
N GLY A 201 19.97 -19.16 -16.53
CA GLY A 201 19.90 -18.02 -17.39
C GLY A 201 19.53 -16.79 -16.60
N GLU A 202 19.72 -15.64 -17.24
CA GLU A 202 19.40 -14.38 -16.62
C GLU A 202 18.55 -13.54 -17.57
N SER A 203 17.63 -12.79 -17.00
CA SER A 203 16.73 -11.91 -17.73
C SER A 203 15.93 -12.71 -18.77
N ALA A 204 16.05 -12.38 -20.07
CA ALA A 204 15.36 -13.15 -21.14
C ALA A 204 15.79 -14.61 -21.15
N GLY A 205 17.01 -14.87 -20.66
CA GLY A 205 17.52 -16.21 -20.55
C GLY A 205 16.79 -16.97 -19.45
N ALA A 206 16.45 -16.26 -18.38
CA ALA A 206 15.70 -16.80 -17.27
C ALA A 206 14.25 -17.08 -17.71
N ALA A 207 13.64 -16.12 -18.39
CA ALA A 207 12.33 -16.32 -18.99
C ALA A 207 12.31 -17.56 -19.87
N SER A 208 13.37 -17.73 -20.66
CA SER A 208 13.51 -18.89 -21.56
C SER A 208 13.54 -20.20 -20.79
N VAL A 209 14.36 -20.25 -19.74
CA VAL A 209 14.42 -21.40 -18.84
C VAL A 209 13.01 -21.74 -18.36
N GLY A 210 12.26 -20.71 -17.93
CA GLY A 210 10.88 -20.93 -17.44
C GLY A 210 9.95 -21.47 -18.50
N MET A 211 10.16 -21.05 -19.74
CA MET A 211 9.40 -21.59 -20.83
C MET A 211 9.73 -23.02 -21.20
N HIS A 212 10.97 -23.46 -20.98
CA HIS A 212 11.30 -24.87 -21.10
C HIS A 212 10.63 -25.69 -19.98
N ILE A 213 10.50 -25.11 -18.80
CA ILE A 213 9.73 -25.72 -17.71
C ILE A 213 8.25 -25.90 -18.09
N LEU A 214 7.68 -24.97 -18.84
CA LEU A 214 6.25 -24.99 -19.13
C LEU A 214 5.89 -25.67 -20.46
N SER A 215 6.92 -26.08 -21.22
CA SER A 215 6.72 -26.78 -22.49
C SER A 215 7.17 -28.23 -22.37
N LEU A 216 6.24 -29.16 -22.53
CA LEU A 216 6.47 -30.59 -22.25
C LEU A 216 7.64 -31.23 -22.99
N PRO A 217 7.79 -31.00 -24.29
CA PRO A 217 8.93 -31.56 -25.03
C PRO A 217 10.31 -31.17 -24.49
N SER A 218 10.42 -29.99 -23.87
CA SER A 218 11.67 -29.59 -23.21
C SER A 218 11.93 -30.33 -21.88
N ARG A 219 10.85 -30.74 -21.21
CA ARG A 219 10.97 -31.24 -19.83
C ARG A 219 11.84 -32.47 -19.69
N SER A 220 11.85 -33.31 -20.74
CA SER A 220 12.69 -34.49 -20.75
C SER A 220 14.15 -34.18 -21.03
N LEU A 221 14.51 -32.91 -21.28
CA LEU A 221 15.86 -32.59 -21.69
C LEU A 221 16.67 -31.96 -20.56
N PHE A 222 16.05 -31.82 -19.39
CA PHE A 222 16.76 -31.29 -18.22
C PHE A 222 16.05 -31.68 -16.94
N HIS A 223 16.71 -31.43 -15.81
CA HIS A 223 16.26 -31.92 -14.52
C HIS A 223 16.03 -30.85 -13.45
N ARG A 224 16.74 -29.73 -13.57
CA ARG A 224 16.68 -28.66 -12.58
C ARG A 224 16.86 -27.31 -13.32
N ALA A 225 16.51 -26.20 -12.67
CA ALA A 225 16.50 -24.89 -13.35
C ALA A 225 16.83 -23.73 -12.41
N VAL A 226 17.59 -22.76 -12.93
CA VAL A 226 17.88 -21.50 -12.25
C VAL A 226 17.40 -20.31 -13.10
N LEU A 227 16.55 -19.48 -12.49
CA LEU A 227 16.00 -18.28 -13.14
C LEU A 227 16.49 -17.06 -12.41
N GLN A 228 17.43 -16.34 -13.03
CA GLN A 228 18.01 -15.11 -12.48
C GLN A 228 17.37 -13.86 -13.11
N SER A 229 16.66 -13.10 -12.29
CA SER A 229 16.05 -11.83 -12.68
C SER A 229 15.19 -11.97 -13.95
N GLY A 230 14.40 -13.02 -14.02
CA GLY A 230 13.54 -13.23 -15.19
C GLY A 230 12.58 -14.37 -14.99
N THR A 231 11.44 -14.29 -15.68
CA THR A 231 10.35 -15.25 -15.50
C THR A 231 9.57 -15.37 -16.81
N PRO A 232 8.92 -16.53 -17.06
CA PRO A 232 8.08 -16.63 -18.27
C PRO A 232 6.73 -15.88 -18.14
N ASN A 233 6.17 -15.87 -16.93
CA ASN A 233 5.07 -14.97 -16.63
C ASN A 233 5.57 -13.54 -16.57
N GLY A 234 4.65 -12.58 -16.52
CA GLY A 234 5.04 -11.18 -16.40
C GLY A 234 4.76 -10.41 -17.68
N PRO A 235 4.94 -9.08 -17.64
CA PRO A 235 4.43 -8.21 -18.67
C PRO A 235 5.24 -8.11 -19.98
N TRP A 236 6.47 -8.63 -20.00
CA TRP A 236 7.36 -8.45 -21.18
C TRP A 236 7.80 -9.72 -21.93
N ALA A 237 7.74 -10.86 -21.27
CA ALA A 237 8.37 -12.10 -21.77
C ALA A 237 7.57 -12.80 -22.85
N THR A 238 6.27 -12.53 -22.95
CA THR A 238 5.44 -13.09 -24.04
C THR A 238 4.48 -12.05 -24.62
N VAL A 239 3.97 -12.35 -25.81
CA VAL A 239 2.86 -11.60 -26.40
C VAL A 239 1.77 -12.56 -26.83
N SER A 240 0.53 -12.08 -26.95
CA SER A 240 -0.54 -12.88 -27.52
C SER A 240 -0.27 -13.13 -29.00
N ALA A 241 -0.95 -14.11 -29.58
CA ALA A 241 -0.86 -14.37 -31.00
C ALA A 241 -1.31 -13.13 -31.78
N GLY A 242 -2.35 -12.46 -31.32
CA GLY A 242 -2.85 -11.27 -32.01
C GLY A 242 -1.84 -10.14 -32.07
N GLU A 243 -1.15 -9.90 -30.95
CA GLU A 243 -0.16 -8.83 -30.86
C GLU A 243 1.07 -9.17 -31.71
N ALA A 244 1.53 -10.43 -31.64
CA ALA A 244 2.60 -10.91 -32.52
C ALA A 244 2.29 -10.64 -34.00
N ARG A 245 1.10 -11.00 -34.44
CA ARG A 245 0.67 -10.78 -35.82
C ARG A 245 0.68 -9.30 -36.19
N ARG A 246 0.21 -8.46 -35.27
CA ARG A 246 0.18 -7.03 -35.50
C ARG A 246 1.60 -6.45 -35.68
N ARG A 247 2.52 -6.85 -34.80
CA ARG A 247 3.90 -6.36 -34.88
C ARG A 247 4.62 -6.83 -36.14
N ALA A 248 4.38 -8.10 -36.51
CA ALA A 248 5.00 -8.70 -37.69
C ALA A 248 4.51 -8.00 -38.94
N THR A 249 3.21 -7.72 -38.99
CA THR A 249 2.59 -7.10 -40.17
C THR A 249 3.01 -5.65 -40.31
N LEU A 250 3.09 -4.93 -39.19
CA LEU A 250 3.60 -3.56 -39.21
C LEU A 250 5.06 -3.57 -39.70
N LEU A 251 5.89 -4.39 -39.09
CA LEU A 251 7.29 -4.48 -39.48
C LEU A 251 7.39 -4.71 -40.98
N ALA A 252 6.64 -5.68 -41.50
CA ALA A 252 6.63 -5.96 -42.93
C ALA A 252 6.31 -4.71 -43.75
N ARG A 253 5.33 -3.93 -43.31
CA ARG A 253 4.97 -2.69 -44.01
C ARG A 253 6.15 -1.72 -44.02
N LEU A 254 6.70 -1.49 -42.85
CA LEU A 254 7.84 -0.59 -42.68
C LEU A 254 9.05 -0.92 -43.56
N VAL A 255 9.21 -2.18 -43.96
CA VAL A 255 10.35 -2.57 -44.78
C VAL A 255 9.96 -2.84 -46.23
N GLY A 256 8.77 -2.41 -46.63
CA GLY A 256 8.36 -2.48 -48.03
C GLY A 256 7.75 -3.80 -48.46
N CYS A 257 7.26 -4.57 -47.50
CA CYS A 257 6.53 -5.81 -47.76
C CYS A 257 5.08 -5.67 -47.30
N PRO A 258 4.31 -4.79 -47.94
CA PRO A 258 2.90 -4.74 -47.53
C PRO A 258 2.18 -6.07 -47.81
N PRO A 259 1.22 -6.46 -46.92
CA PRO A 259 0.38 -7.66 -47.09
C PRO A 259 -0.32 -7.79 -48.45
N ASN A 265 -2.60 -12.83 -47.47
CA ASN A 265 -1.94 -14.14 -47.42
C ASN A 265 -0.54 -14.08 -46.78
N ASP A 266 -0.30 -14.99 -45.83
CA ASP A 266 0.94 -14.98 -45.03
C ASP A 266 2.15 -15.42 -45.83
N THR A 267 1.98 -16.41 -46.69
CA THR A 267 3.08 -16.95 -47.49
C THR A 267 3.79 -15.81 -48.23
N GLU A 268 3.02 -15.03 -48.98
CA GLU A 268 3.54 -13.85 -49.70
C GLU A 268 4.29 -12.90 -48.77
N LEU A 269 3.65 -12.51 -47.67
CA LEU A 269 4.24 -11.57 -46.73
C LEU A 269 5.58 -12.09 -46.22
N ILE A 270 5.61 -13.35 -45.81
CA ILE A 270 6.81 -13.96 -45.25
C ILE A 270 7.89 -14.10 -46.32
N ALA A 271 7.50 -14.48 -47.53
CA ALA A 271 8.45 -14.61 -48.63
C ALA A 271 9.14 -13.28 -48.92
N CYS A 272 8.39 -12.18 -48.92
CA CYS A 272 8.97 -10.85 -49.10
C CYS A 272 9.91 -10.48 -47.95
N LEU A 273 9.51 -10.74 -46.71
CA LEU A 273 10.41 -10.53 -45.56
C LEU A 273 11.74 -11.27 -45.73
N ARG A 274 11.70 -12.47 -46.30
CA ARG A 274 12.92 -13.26 -46.50
C ARG A 274 13.89 -12.66 -47.52
N THR A 275 13.38 -11.80 -48.40
CA THR A 275 14.22 -11.10 -49.38
C THR A 275 14.93 -9.89 -48.79
N ARG A 276 14.55 -9.46 -47.59
CA ARG A 276 15.10 -8.25 -47.01
C ARG A 276 16.47 -8.48 -46.38
N PRO A 277 17.38 -7.51 -46.53
CA PRO A 277 18.63 -7.55 -45.76
C PRO A 277 18.38 -7.66 -44.26
N ALA A 278 19.16 -8.48 -43.58
CA ALA A 278 19.05 -8.63 -42.13
C ALA A 278 19.04 -7.26 -41.45
N GLN A 279 19.89 -6.35 -41.90
CA GLN A 279 20.05 -5.07 -41.22
C GLN A 279 18.82 -4.18 -41.36
N ASP A 280 18.13 -4.28 -42.49
CA ASP A 280 16.86 -3.59 -42.68
C ASP A 280 15.87 -3.98 -41.61
N LEU A 281 15.80 -5.27 -41.29
CA LEU A 281 14.87 -5.75 -40.28
C LEU A 281 15.25 -5.15 -38.94
N VAL A 282 16.54 -5.20 -38.61
CA VAL A 282 17.01 -4.63 -37.33
C VAL A 282 16.70 -3.13 -37.25
N ASP A 283 16.92 -2.40 -38.35
CA ASP A 283 16.64 -0.96 -38.38
C ASP A 283 15.20 -0.52 -38.07
N HIS A 284 14.21 -1.39 -38.27
CA HIS A 284 12.81 -1.05 -37.98
C HIS A 284 12.20 -1.77 -36.79
N GLU A 285 13.00 -2.60 -36.15
CA GLU A 285 12.60 -3.45 -35.06
C GLU A 285 11.90 -2.70 -33.90
N TRP A 286 12.43 -1.55 -33.55
CA TRP A 286 11.90 -0.79 -32.42
C TRP A 286 10.68 0.05 -32.77
N HIS A 287 10.30 0.08 -34.05
CA HIS A 287 9.19 0.91 -34.47
C HIS A 287 7.80 0.28 -34.32
N VAL A 288 7.72 -0.94 -33.81
CA VAL A 288 6.44 -1.66 -33.76
C VAL A 288 5.81 -1.82 -32.38
N LEU A 289 6.46 -1.29 -31.34
CA LEU A 289 5.91 -1.36 -29.97
C LEU A 289 4.70 -0.44 -29.86
N PRO A 290 3.61 -0.90 -29.21
CA PRO A 290 2.35 -0.15 -29.15
C PRO A 290 2.39 1.14 -28.33
N GLN A 291 3.32 1.25 -27.40
CA GLN A 291 3.44 2.44 -26.57
C GLN A 291 4.91 2.85 -26.46
N GLU A 292 5.12 4.11 -26.11
CA GLU A 292 6.42 4.57 -25.65
C GLU A 292 6.68 3.84 -24.32
N SER A 293 7.77 3.07 -24.27
CA SER A 293 8.01 2.20 -23.12
C SER A 293 9.47 1.91 -22.82
N ILE A 294 9.72 1.41 -21.61
CA ILE A 294 10.98 0.72 -21.30
C ILE A 294 10.64 -0.70 -20.81
N PHE A 295 11.65 -1.57 -20.79
CA PHE A 295 11.48 -2.99 -20.46
C PHE A 295 10.39 -3.65 -21.34
N ARG A 296 10.32 -3.25 -22.61
CA ARG A 296 9.48 -3.97 -23.57
C ARG A 296 10.28 -4.20 -24.85
N PHE A 297 10.07 -5.36 -25.44
CA PHE A 297 10.86 -5.82 -26.57
C PHE A 297 9.90 -6.28 -27.65
N SER A 298 10.22 -5.96 -28.90
CA SER A 298 9.29 -6.08 -30.00
C SER A 298 8.97 -7.53 -30.35
N PHE A 299 9.99 -8.37 -30.42
CA PHE A 299 9.84 -9.75 -30.87
C PHE A 299 10.29 -10.73 -29.79
N VAL A 300 9.32 -11.35 -29.14
CA VAL A 300 9.51 -12.20 -27.95
C VAL A 300 8.67 -13.47 -28.12
N PRO A 301 8.85 -14.47 -27.25
CA PRO A 301 7.95 -15.62 -27.30
C PRO A 301 6.44 -15.31 -27.41
N VAL A 302 5.77 -16.07 -28.25
CA VAL A 302 4.34 -15.90 -28.49
C VAL A 302 3.56 -17.08 -27.89
N VAL A 303 2.41 -16.78 -27.31
CA VAL A 303 1.49 -17.82 -26.89
C VAL A 303 0.82 -18.37 -28.16
N ASP A 304 1.40 -19.45 -28.67
CA ASP A 304 1.07 -20.02 -29.97
C ASP A 304 0.12 -21.22 -29.89
N GLY A 305 -0.14 -21.70 -28.68
CA GLY A 305 -0.91 -22.93 -28.49
C GLY A 305 -0.15 -24.17 -28.92
N ASP A 306 1.18 -24.08 -28.99
CA ASP A 306 2.04 -25.20 -29.39
C ASP A 306 3.22 -25.34 -28.41
N PHE A 307 4.29 -24.56 -28.60
CA PHE A 307 5.38 -24.49 -27.60
C PHE A 307 4.76 -24.08 -26.26
N LEU A 308 3.99 -23.01 -26.27
CA LEU A 308 3.23 -22.59 -25.11
C LEU A 308 1.76 -22.93 -25.36
N SER A 309 1.28 -23.98 -24.70
CA SER A 309 -0.08 -24.47 -24.93
C SER A 309 -1.13 -23.48 -24.42
N ASP A 310 -0.74 -22.66 -23.46
CA ASP A 310 -1.57 -21.59 -22.94
C ASP A 310 -0.65 -20.48 -22.42
N THR A 311 -1.23 -19.42 -21.84
CA THR A 311 -0.41 -18.35 -21.27
C THR A 311 0.45 -18.92 -20.15
N PRO A 312 1.67 -18.38 -19.94
CA PRO A 312 2.47 -18.77 -18.79
C PRO A 312 1.71 -18.68 -17.47
N GLU A 313 0.87 -17.66 -17.33
CA GLU A 313 0.01 -17.50 -16.15
C GLU A 313 -0.91 -18.71 -15.94
N ALA A 314 -1.59 -19.15 -17.00
CA ALA A 314 -2.44 -20.35 -16.87
C ALA A 314 -1.57 -21.55 -16.51
N LEU A 315 -0.45 -21.69 -17.20
CA LEU A 315 0.40 -22.88 -17.05
C LEU A 315 1.07 -22.99 -15.69
N ILE A 316 1.45 -21.89 -15.07
CA ILE A 316 2.02 -21.98 -13.72
C ILE A 316 0.92 -22.19 -12.64
N ASN A 317 -0.33 -21.80 -12.92
CA ASN A 317 -1.42 -21.98 -11.96
C ASN A 317 -1.95 -23.40 -11.92
N THR A 318 -1.80 -24.13 -13.02
CA THR A 318 -2.39 -25.46 -13.17
C THR A 318 -1.33 -26.55 -13.35
N GLY A 319 -0.06 -26.18 -13.34
CA GLY A 319 1.00 -27.14 -13.60
C GLY A 319 1.25 -28.06 -12.41
N ASP A 320 1.75 -29.25 -12.72
CA ASP A 320 2.28 -30.18 -11.73
C ASP A 320 3.80 -30.07 -11.78
N PHE A 321 4.40 -29.52 -10.73
CA PHE A 321 5.85 -29.31 -10.70
C PHE A 321 6.48 -30.13 -9.58
N GLN A 322 5.95 -31.33 -9.42
CA GLN A 322 6.32 -32.23 -8.32
C GLN A 322 7.82 -32.57 -8.35
N ASP A 323 8.33 -32.93 -9.52
CA ASP A 323 9.71 -33.40 -9.63
C ASP A 323 10.73 -32.33 -10.05
N LEU A 324 10.43 -31.07 -9.76
CA LEU A 324 11.29 -29.96 -10.18
C LEU A 324 11.92 -29.31 -8.96
N GLN A 325 13.23 -29.07 -9.04
CA GLN A 325 13.89 -28.16 -8.13
C GLN A 325 14.28 -26.90 -8.92
N VAL A 326 14.03 -25.74 -8.31
CA VAL A 326 14.25 -24.44 -8.95
C VAL A 326 14.92 -23.47 -7.98
N LEU A 327 15.91 -22.74 -8.47
CA LEU A 327 16.52 -21.67 -7.74
C LEU A 327 16.17 -20.38 -8.51
N VAL A 328 15.67 -19.37 -7.78
CA VAL A 328 15.23 -18.13 -8.41
C VAL A 328 15.67 -16.94 -7.58
N GLY A 329 15.81 -15.79 -8.22
CA GLY A 329 16.18 -14.60 -7.46
C GLY A 329 16.24 -13.36 -8.29
N VAL A 330 16.63 -12.29 -7.62
CA VAL A 330 16.61 -10.94 -8.14
C VAL A 330 17.85 -10.23 -7.60
N VAL A 331 18.26 -9.15 -8.26
CA VAL A 331 19.31 -8.24 -7.74
C VAL A 331 18.63 -7.11 -6.97
N LYS A 332 19.41 -6.34 -6.22
CA LYS A 332 18.83 -5.32 -5.34
C LYS A 332 18.06 -4.24 -6.11
N ASP A 333 18.59 -3.83 -7.27
CA ASP A 333 18.01 -2.72 -8.05
C ASP A 333 17.65 -3.08 -9.49
N GLU A 334 16.61 -3.89 -9.64
CA GLU A 334 16.26 -4.44 -10.95
C GLU A 334 15.88 -3.37 -11.98
N GLY A 335 15.30 -2.26 -11.54
CA GLY A 335 14.79 -1.25 -12.46
C GLY A 335 15.77 -0.22 -13.00
N SER A 336 16.83 0.06 -12.26
CA SER A 336 17.64 1.26 -12.54
C SER A 336 18.25 1.29 -13.94
N TYR A 337 18.77 0.15 -14.38
CA TYR A 337 19.36 0.01 -15.73
C TYR A 337 18.47 0.55 -16.84
N PHE A 338 17.18 0.23 -16.73
CA PHE A 338 16.22 0.53 -17.79
C PHE A 338 15.80 2.00 -17.87
N LEU A 339 16.00 2.74 -16.77
CA LEU A 339 15.55 4.15 -16.71
C LEU A 339 16.29 5.08 -17.65
N VAL A 340 17.58 4.83 -17.84
CA VAL A 340 18.41 5.68 -18.71
C VAL A 340 18.18 5.43 -20.22
N TYR A 341 17.35 4.45 -20.56
CA TYR A 341 17.02 4.15 -21.94
C TYR A 341 15.63 4.63 -22.36
N GLY A 342 15.07 5.63 -21.68
CA GLY A 342 13.72 6.05 -22.06
C GLY A 342 12.95 7.00 -21.17
N VAL A 343 13.26 7.06 -19.89
CA VAL A 343 12.56 7.97 -18.99
C VAL A 343 13.25 9.35 -18.96
N PRO A 344 12.56 10.41 -19.42
CA PRO A 344 13.21 11.71 -19.31
C PRO A 344 13.58 12.05 -17.86
N GLY A 345 14.79 12.58 -17.72
CA GLY A 345 15.33 13.00 -16.44
C GLY A 345 16.42 12.10 -15.95
N PHE A 346 16.54 10.91 -16.53
CA PHE A 346 17.48 9.90 -16.03
C PHE A 346 18.74 9.80 -16.90
N SER A 347 19.88 9.63 -16.24
CA SER A 347 21.18 9.62 -16.91
C SER A 347 22.20 8.91 -16.05
N LYS A 348 23.14 8.24 -16.69
CA LYS A 348 24.28 7.66 -15.97
C LYS A 348 25.27 8.75 -15.57
N ASP A 349 25.22 9.90 -16.24
CA ASP A 349 26.22 10.97 -16.05
C ASP A 349 25.86 12.03 -14.99
N ASN A 350 24.68 11.91 -14.38
CA ASN A 350 24.34 12.68 -13.18
C ASN A 350 23.51 11.86 -12.19
N GLU A 351 23.16 12.48 -11.06
CA GLU A 351 22.41 11.82 -9.99
C GLU A 351 20.93 11.51 -10.29
N SER A 352 20.42 12.03 -11.41
CA SER A 352 19.06 11.73 -11.89
C SER A 352 17.98 12.07 -10.89
N LEU A 353 18.18 13.17 -10.15
CA LEU A 353 17.14 13.66 -9.25
C LEU A 353 16.01 14.21 -10.12
N ILE A 354 14.81 13.65 -9.99
CA ILE A 354 13.70 14.02 -10.87
C ILE A 354 12.61 14.76 -10.12
N SER A 355 11.80 15.50 -10.86
CA SER A 355 10.64 16.19 -10.32
C SER A 355 9.47 15.21 -10.24
N ARG A 356 8.42 15.64 -9.56
CA ARG A 356 7.20 14.87 -9.49
C ARG A 356 6.54 14.74 -10.87
N ALA A 357 6.54 15.81 -11.66
CA ALA A 357 6.06 15.74 -13.04
C ALA A 357 6.78 14.62 -13.83
N GLN A 358 8.09 14.54 -13.66
CA GLN A 358 8.90 13.54 -14.35
C GLN A 358 8.64 12.13 -13.84
N PHE A 359 8.30 12.02 -12.56
CA PHE A 359 7.88 10.74 -11.99
C PHE A 359 6.57 10.24 -12.62
N LEU A 360 5.56 11.12 -12.69
CA LEU A 360 4.26 10.74 -13.29
C LEU A 360 4.42 10.35 -14.76
N ALA A 361 5.19 11.13 -15.51
CA ALA A 361 5.51 10.80 -16.91
C ALA A 361 6.25 9.48 -16.99
N GLY A 362 7.22 9.30 -16.09
CA GLY A 362 8.02 8.09 -16.00
C GLY A 362 7.20 6.83 -15.78
N VAL A 363 6.21 6.93 -14.89
CA VAL A 363 5.32 5.81 -14.59
C VAL A 363 4.54 5.34 -15.82
N ARG A 364 4.10 6.28 -16.67
CA ARG A 364 3.42 5.91 -17.91
C ARG A 364 4.35 5.16 -18.87
N ILE A 365 5.64 5.50 -18.89
CA ILE A 365 6.60 4.81 -19.76
C ILE A 365 7.01 3.46 -19.16
N GLY A 366 7.10 3.43 -17.84
CA GLY A 366 7.51 2.21 -17.13
C GLY A 366 6.41 1.19 -16.89
N VAL A 367 5.16 1.61 -16.98
CA VAL A 367 4.01 0.68 -16.88
C VAL A 367 3.14 0.98 -18.06
N PRO A 368 3.67 0.71 -19.27
CA PRO A 368 3.10 1.24 -20.51
C PRO A 368 1.69 0.71 -20.85
N GLN A 369 1.29 -0.41 -20.25
CA GLN A 369 -0.03 -0.98 -20.51
C GLN A 369 -1.05 -0.56 -19.45
N ALA A 370 -0.63 0.25 -18.48
CA ALA A 370 -1.55 0.77 -17.46
C ALA A 370 -2.52 1.81 -18.02
N SER A 371 -3.80 1.61 -17.71
CA SER A 371 -4.81 2.66 -17.84
C SER A 371 -4.45 3.85 -16.97
N ASP A 372 -5.21 4.93 -17.12
CA ASP A 372 -5.03 6.12 -16.28
C ASP A 372 -5.25 5.81 -14.79
N LEU A 373 -6.29 5.03 -14.49
CA LEU A 373 -6.61 4.68 -13.09
C LEU A 373 -5.53 3.78 -12.49
N ALA A 374 -5.09 2.77 -13.24
CA ALA A 374 -4.01 1.88 -12.79
C ALA A 374 -2.72 2.66 -12.52
N ALA A 375 -2.40 3.60 -13.39
CA ALA A 375 -1.17 4.39 -13.25
C ALA A 375 -1.23 5.34 -12.04
N GLU A 376 -2.41 5.88 -11.72
CA GLU A 376 -2.52 6.70 -10.52
C GLU A 376 -2.45 5.80 -9.28
N ALA A 377 -2.95 4.58 -9.38
CA ALA A 377 -2.78 3.60 -8.32
C ALA A 377 -1.29 3.35 -8.02
N VAL A 378 -0.50 3.24 -9.08
CA VAL A 378 0.95 3.02 -8.97
C VAL A 378 1.60 4.23 -8.32
N VAL A 379 1.32 5.40 -8.87
CA VAL A 379 1.84 6.65 -8.31
C VAL A 379 1.50 6.82 -6.83
N LEU A 380 0.27 6.48 -6.44
CA LEU A 380 -0.15 6.68 -5.07
C LEU A 380 0.50 5.68 -4.12
N HIS A 381 0.77 4.48 -4.61
CA HIS A 381 1.42 3.45 -3.82
C HIS A 381 2.91 3.75 -3.58
N TYR A 382 3.59 4.26 -4.59
CA TYR A 382 5.04 4.45 -4.54
C TYR A 382 5.44 5.83 -4.06
N THR A 383 4.51 6.79 -4.08
CA THR A 383 4.77 8.07 -3.48
C THR A 383 4.95 7.91 -1.99
N ASP A 384 5.96 8.58 -1.46
CA ASP A 384 6.11 8.75 -0.02
C ASP A 384 5.35 9.99 0.37
N TRP A 385 4.25 9.84 1.08
CA TRP A 385 3.36 10.98 1.34
C TRP A 385 3.87 11.92 2.44
N LEU A 386 4.91 11.52 3.15
CA LEU A 386 5.67 12.47 3.97
C LEU A 386 6.52 13.40 3.10
N HIS A 387 7.02 12.89 1.97
CA HIS A 387 7.96 13.65 1.14
C HIS A 387 7.59 13.50 -0.32
N PRO A 388 6.37 13.91 -0.69
CA PRO A 388 5.85 13.62 -2.02
C PRO A 388 6.62 14.24 -3.20
N GLU A 389 7.46 15.25 -2.94
CA GLU A 389 8.19 15.91 -4.01
C GLU A 389 9.71 15.86 -3.86
N ASP A 390 10.17 14.95 -3.00
CA ASP A 390 11.60 14.78 -2.80
C ASP A 390 12.23 14.09 -4.02
N PRO A 391 13.13 14.78 -4.74
CA PRO A 391 13.74 14.23 -5.96
C PRO A 391 14.48 12.90 -5.77
N THR A 392 15.13 12.70 -4.63
CA THR A 392 15.85 11.45 -4.37
C THR A 392 14.88 10.29 -4.20
N HIS A 393 13.81 10.50 -3.41
CA HIS A 393 12.80 9.47 -3.27
C HIS A 393 12.12 9.15 -4.60
N LEU A 394 11.80 10.19 -5.36
CA LEU A 394 11.11 10.01 -6.65
C LEU A 394 11.97 9.23 -7.63
N ARG A 395 13.26 9.55 -7.69
CA ARG A 395 14.19 8.82 -8.53
C ARG A 395 14.21 7.34 -8.13
N ASP A 396 14.44 7.08 -6.85
CA ASP A 396 14.47 5.71 -6.34
C ASP A 396 13.13 4.98 -6.46
N ALA A 397 12.03 5.72 -6.36
CA ALA A 397 10.70 5.11 -6.52
C ALA A 397 10.45 4.71 -7.98
N MET A 398 10.93 5.52 -8.92
CA MET A 398 10.80 5.20 -10.33
C MET A 398 11.51 3.89 -10.66
N SER A 399 12.73 3.75 -10.17
CA SER A 399 13.49 2.52 -10.29
C SER A 399 12.71 1.34 -9.73
N ALA A 400 12.20 1.50 -8.51
CA ALA A 400 11.42 0.45 -7.84
C ALA A 400 10.17 0.01 -8.64
N VAL A 401 9.44 0.97 -9.20
CA VAL A 401 8.27 0.67 -10.03
C VAL A 401 8.62 -0.29 -11.18
N VAL A 402 9.65 0.07 -11.94
CA VAL A 402 10.06 -0.70 -13.12
C VAL A 402 10.61 -2.07 -12.69
N GLY A 403 11.46 -2.08 -11.67
CA GLY A 403 11.98 -3.31 -11.12
C GLY A 403 10.91 -4.24 -10.59
N ASP A 404 9.98 -3.70 -9.81
CA ASP A 404 8.93 -4.53 -9.21
C ASP A 404 7.95 -5.05 -10.26
N HIS A 405 7.53 -4.17 -11.15
CA HIS A 405 6.55 -4.53 -12.18
C HIS A 405 7.07 -5.67 -13.08
N ASN A 406 8.33 -5.56 -13.49
CA ASN A 406 8.88 -6.41 -14.52
C ASN A 406 9.61 -7.64 -14.01
N VAL A 407 10.20 -7.56 -12.83
CA VAL A 407 11.05 -8.64 -12.33
C VAL A 407 10.63 -9.13 -10.94
N VAL A 408 10.66 -8.26 -9.95
CA VAL A 408 10.57 -8.74 -8.56
C VAL A 408 9.23 -9.40 -8.32
N CYS A 409 8.14 -8.76 -8.73
CA CYS A 409 6.83 -9.31 -8.46
C CYS A 409 6.46 -10.54 -9.31
N PRO A 410 6.81 -10.54 -10.60
CA PRO A 410 6.76 -11.79 -11.36
C PRO A 410 7.56 -12.95 -10.75
N VAL A 411 8.75 -12.67 -10.21
CA VAL A 411 9.52 -13.71 -9.55
C VAL A 411 8.79 -14.20 -8.29
N ALA A 412 8.29 -13.28 -7.47
CA ALA A 412 7.53 -13.70 -6.29
C ALA A 412 6.31 -14.57 -6.67
N GLN A 413 5.58 -14.12 -7.68
CA GLN A 413 4.44 -14.90 -8.21
C GLN A 413 4.86 -16.29 -8.65
N LEU A 414 5.91 -16.39 -9.46
CA LEU A 414 6.42 -17.67 -9.92
C LEU A 414 6.80 -18.59 -8.76
N ALA A 415 7.63 -18.08 -7.84
CA ALA A 415 8.08 -18.84 -6.66
C ALA A 415 6.90 -19.38 -5.85
N GLY A 416 5.88 -18.55 -5.66
CA GLY A 416 4.70 -18.96 -4.94
C GLY A 416 3.94 -20.06 -5.66
N ARG A 417 3.71 -19.89 -6.95
CA ARG A 417 2.93 -20.90 -7.69
C ARG A 417 3.69 -22.21 -7.77
N LEU A 418 4.97 -22.16 -8.12
CA LEU A 418 5.79 -23.36 -8.18
C LEU A 418 5.82 -24.10 -6.85
N ALA A 419 6.01 -23.38 -5.74
CA ALA A 419 6.05 -23.99 -4.42
C ALA A 419 4.69 -24.61 -4.04
N ALA A 420 3.61 -23.91 -4.34
CA ALA A 420 2.26 -24.40 -4.03
C ALA A 420 1.94 -25.68 -4.80
N GLN A 421 2.61 -25.87 -5.94
CA GLN A 421 2.30 -26.98 -6.83
C GLN A 421 3.38 -28.06 -6.90
N GLY A 422 4.17 -28.16 -5.83
CA GLY A 422 5.04 -29.33 -5.60
C GLY A 422 6.53 -29.17 -5.81
N ALA A 423 6.98 -28.05 -6.36
CA ALA A 423 8.40 -27.86 -6.62
C ALA A 423 9.17 -27.51 -5.36
N ARG A 424 10.44 -27.90 -5.33
CA ARG A 424 11.36 -27.40 -4.31
C ARG A 424 11.97 -26.13 -4.86
N VAL A 425 11.73 -25.02 -4.16
CA VAL A 425 12.15 -23.70 -4.61
C VAL A 425 13.11 -23.08 -3.59
N TYR A 426 14.20 -22.51 -4.09
CA TYR A 426 15.13 -21.68 -3.30
C TYR A 426 15.19 -20.30 -3.90
N ALA A 427 15.16 -19.27 -3.06
CA ALA A 427 15.05 -17.88 -3.50
C ALA A 427 16.17 -17.04 -2.90
N TYR A 428 16.65 -16.06 -3.66
CA TYR A 428 17.71 -15.16 -3.18
C TYR A 428 17.42 -13.72 -3.60
N ILE A 429 18.05 -12.79 -2.87
CA ILE A 429 18.26 -11.41 -3.35
C ILE A 429 19.77 -11.19 -3.36
N PHE A 430 20.29 -10.72 -4.49
CA PHE A 430 21.71 -10.44 -4.66
C PHE A 430 21.94 -8.95 -4.43
N GLU A 431 22.79 -8.62 -3.45
CA GLU A 431 22.91 -7.22 -2.99
C GLU A 431 24.32 -6.65 -3.01
N HIS A 432 25.25 -7.36 -3.63
CA HIS A 432 26.60 -6.84 -3.71
C HIS A 432 26.86 -6.05 -5.01
N ARG A 433 27.31 -4.82 -4.86
CA ARG A 433 27.70 -3.97 -6.00
C ARG A 433 29.19 -4.16 -6.28
N ALA A 434 29.51 -4.53 -7.51
CA ALA A 434 30.89 -4.81 -7.88
C ALA A 434 31.72 -3.55 -7.65
N SER A 435 32.89 -3.72 -7.03
CA SER A 435 33.80 -2.60 -6.81
C SER A 435 34.30 -2.00 -8.13
N THR A 436 34.18 -2.78 -9.21
CA THR A 436 34.60 -2.40 -10.55
C THR A 436 33.44 -1.86 -11.41
N LEU A 437 32.26 -1.68 -10.82
CA LEU A 437 31.08 -1.25 -11.58
C LEU A 437 31.29 0.17 -12.12
N THR A 438 30.96 0.38 -13.41
CA THR A 438 31.16 1.69 -14.05
C THR A 438 29.88 2.53 -14.09
N TRP A 439 28.71 1.89 -13.89
CA TRP A 439 27.44 2.63 -13.71
C TRP A 439 27.53 3.44 -12.42
N PRO A 440 26.75 4.54 -12.31
CA PRO A 440 26.86 5.39 -11.13
C PRO A 440 26.24 4.77 -9.89
N LEU A 441 26.57 5.35 -8.74
CA LEU A 441 26.14 4.82 -7.47
C LEU A 441 24.64 4.76 -7.29
N TRP A 442 23.90 5.73 -7.83
CA TRP A 442 22.46 5.78 -7.61
C TRP A 442 21.75 4.56 -8.18
N MET A 443 22.34 3.97 -9.23
CA MET A 443 21.77 2.78 -9.87
C MET A 443 21.89 1.50 -9.02
N GLY A 444 22.68 1.56 -7.94
CA GLY A 444 22.79 0.45 -7.00
C GLY A 444 23.38 -0.82 -7.60
N VAL A 445 22.69 -1.95 -7.43
CA VAL A 445 23.11 -3.24 -7.98
C VAL A 445 22.18 -3.52 -9.14
N PRO A 446 22.55 -3.10 -10.36
CA PRO A 446 21.61 -3.20 -11.46
C PRO A 446 21.49 -4.61 -12.04
N HIS A 447 20.36 -4.79 -12.73
CA HIS A 447 20.05 -5.93 -13.57
C HIS A 447 21.27 -6.41 -14.33
N GLY A 448 21.68 -7.66 -14.08
CA GLY A 448 22.78 -8.31 -14.81
C GLY A 448 24.13 -8.33 -14.13
N TYR A 449 24.31 -7.58 -13.05
CA TYR A 449 25.63 -7.44 -12.44
C TYR A 449 25.95 -8.45 -11.34
N GLU A 450 25.13 -9.49 -11.23
CA GLU A 450 25.46 -10.67 -10.47
C GLU A 450 26.18 -11.74 -11.32
N ILE A 451 25.97 -11.71 -12.64
CA ILE A 451 26.43 -12.80 -13.52
C ILE A 451 27.93 -13.04 -13.38
N GLU A 452 28.72 -11.96 -13.47
CA GLU A 452 30.18 -12.03 -13.32
C GLU A 452 30.66 -12.73 -12.02
N PHE A 453 29.86 -12.69 -10.96
CA PHE A 453 30.18 -13.43 -9.74
C PHE A 453 29.88 -14.91 -9.82
N ILE A 454 28.69 -15.26 -10.32
CA ILE A 454 28.30 -16.67 -10.45
C ILE A 454 29.26 -17.42 -11.39
N PHE A 455 29.68 -16.76 -12.46
CA PHE A 455 30.65 -17.31 -13.39
C PHE A 455 32.11 -17.33 -12.88
N GLY A 456 32.40 -16.57 -11.83
CA GLY A 456 33.71 -16.62 -11.17
C GLY A 456 34.78 -15.71 -11.73
N LEU A 457 34.40 -14.65 -12.44
CA LEU A 457 35.40 -13.71 -12.99
C LEU A 457 36.34 -13.09 -11.94
N PRO A 458 35.82 -12.75 -10.74
CA PRO A 458 36.75 -12.27 -9.70
C PRO A 458 37.96 -13.18 -9.34
N LEU A 459 37.92 -14.46 -9.74
CA LEU A 459 39.05 -15.37 -9.54
C LEU A 459 40.24 -15.04 -10.44
N ASP A 460 39.99 -14.26 -11.50
CA ASP A 460 41.04 -13.80 -12.38
C ASP A 460 41.68 -12.56 -11.79
N PRO A 461 42.93 -12.67 -11.28
CA PRO A 461 43.53 -11.51 -10.60
C PRO A 461 43.73 -10.29 -11.51
N SER A 462 43.85 -10.51 -12.82
CA SER A 462 43.98 -9.40 -13.77
C SER A 462 42.74 -8.49 -13.85
N LEU A 463 41.60 -8.94 -13.30
CA LEU A 463 40.36 -8.17 -13.38
C LEU A 463 40.14 -7.15 -12.23
N ASN A 464 41.04 -7.13 -11.26
CA ASN A 464 41.07 -6.08 -10.22
C ASN A 464 39.92 -6.08 -9.21
N TYR A 465 39.26 -7.23 -9.03
CA TYR A 465 38.30 -7.36 -7.94
C TYR A 465 39.04 -7.46 -6.61
N THR A 466 38.34 -7.18 -5.53
CA THR A 466 38.92 -7.30 -4.19
C THR A 466 39.02 -8.77 -3.79
N THR A 467 39.87 -9.03 -2.79
CA THR A 467 40.02 -10.36 -2.18
C THR A 467 38.70 -10.89 -1.65
N GLU A 468 37.91 -10.01 -1.04
CA GLU A 468 36.61 -10.40 -0.50
C GLU A 468 35.66 -10.80 -1.62
N GLU A 469 35.72 -10.08 -2.73
CA GLU A 469 34.95 -10.43 -3.92
C GLU A 469 35.35 -11.80 -4.53
N ARG A 470 36.64 -12.12 -4.48
CA ARG A 470 37.11 -13.46 -4.86
C ARG A 470 36.44 -14.54 -4.01
N ILE A 471 36.45 -14.35 -2.70
CA ILE A 471 35.86 -15.31 -1.75
C ILE A 471 34.34 -15.41 -1.95
N PHE A 472 33.72 -14.27 -2.20
CA PHE A 472 32.29 -14.19 -2.46
C PHE A 472 31.93 -14.98 -3.73
N ALA A 473 32.67 -14.75 -4.82
CA ALA A 473 32.47 -15.49 -6.07
C ALA A 473 32.55 -17.00 -5.83
N GLN A 474 33.54 -17.45 -5.09
CA GLN A 474 33.72 -18.87 -4.79
C GLN A 474 32.50 -19.46 -4.07
N ARG A 475 31.95 -18.71 -3.11
CA ARG A 475 30.70 -19.10 -2.45
C ARG A 475 29.55 -19.28 -3.44
N LEU A 476 29.37 -18.30 -4.32
CA LEU A 476 28.26 -18.34 -5.27
C LEU A 476 28.37 -19.53 -6.22
N MET A 477 29.58 -19.74 -6.75
CA MET A 477 29.88 -20.90 -7.59
C MET A 477 29.54 -22.22 -6.89
N LYS A 478 29.87 -22.32 -5.60
CA LYS A 478 29.51 -23.49 -4.80
C LYS A 478 27.99 -23.67 -4.65
N TYR A 479 27.28 -22.59 -4.37
CA TYR A 479 25.82 -22.67 -4.27
C TYR A 479 25.20 -23.19 -5.55
N TRP A 480 25.60 -22.58 -6.67
CA TRP A 480 25.02 -22.88 -7.96
C TRP A 480 25.34 -24.30 -8.41
N THR A 481 26.59 -24.74 -8.20
CA THR A 481 27.01 -26.08 -8.57
C THR A 481 26.52 -27.14 -7.58
N ASN A 482 26.38 -26.80 -6.31
CA ASN A 482 25.71 -27.73 -5.36
C ASN A 482 24.26 -27.94 -5.79
N PHE A 483 23.58 -26.86 -6.15
CA PHE A 483 22.22 -26.95 -6.68
C PHE A 483 22.15 -27.80 -7.96
N ALA A 484 23.10 -27.59 -8.86
CA ALA A 484 23.18 -28.42 -10.07
C ALA A 484 23.34 -29.90 -9.71
N ARG A 485 24.23 -30.20 -8.78
CA ARG A 485 24.52 -31.59 -8.40
C ARG A 485 23.34 -32.29 -7.69
N THR A 486 22.66 -31.57 -6.79
CA THR A 486 21.74 -32.21 -5.84
C THR A 486 20.33 -31.64 -5.76
N GLY A 487 20.09 -30.50 -6.42
CA GLY A 487 18.84 -29.76 -6.22
C GLY A 487 18.78 -29.01 -4.89
N ASP A 488 19.94 -28.80 -4.26
CA ASP A 488 20.05 -28.13 -2.96
C ASP A 488 21.35 -27.33 -2.95
N PRO A 489 21.26 -25.99 -2.83
CA PRO A 489 22.46 -25.16 -2.85
C PRO A 489 23.37 -25.29 -1.60
N ASN A 490 22.85 -25.86 -0.52
CA ASN A 490 23.62 -26.02 0.71
C ASN A 490 24.72 -27.05 0.57
N ASP A 491 25.80 -26.86 1.31
CA ASP A 491 26.87 -27.86 1.35
C ASP A 491 26.50 -28.96 2.35
N PRO A 492 26.52 -30.23 1.90
CA PRO A 492 26.24 -31.37 2.80
C PRO A 492 27.24 -31.53 3.95
N ARG A 493 28.50 -31.16 3.71
CA ARG A 493 29.58 -31.35 4.69
C ARG A 493 29.54 -30.27 5.76
N ASP A 494 29.48 -29.02 5.31
CA ASP A 494 29.44 -27.85 6.17
C ASP A 494 28.12 -27.78 6.95
N SER A 495 28.13 -27.02 8.06
CA SER A 495 26.90 -26.67 8.77
C SER A 495 27.12 -25.52 9.75
N LYS A 496 26.32 -24.46 9.57
CA LYS A 496 26.46 -23.21 10.34
C LYS A 496 27.92 -22.73 10.39
N SER A 497 28.52 -22.22 9.29
CA SER A 497 27.93 -21.87 7.98
C SER A 497 26.41 -21.99 7.74
N PRO A 498 25.69 -20.85 7.77
CA PRO A 498 24.22 -20.83 7.80
C PRO A 498 23.56 -21.50 6.59
N GLN A 499 22.38 -22.07 6.81
CA GLN A 499 21.68 -22.86 5.80
C GLN A 499 20.66 -22.01 5.04
N TRP A 500 20.45 -22.39 3.78
CA TRP A 500 19.52 -21.74 2.88
C TRP A 500 18.25 -22.59 2.88
N PRO A 501 17.18 -22.11 3.55
CA PRO A 501 15.94 -22.90 3.59
C PRO A 501 15.18 -22.73 2.31
N PRO A 502 14.41 -23.75 1.90
CA PRO A 502 13.52 -23.57 0.76
C PRO A 502 12.46 -22.45 0.93
N TYR A 503 12.10 -21.81 -0.18
CA TYR A 503 10.98 -20.89 -0.23
C TYR A 503 9.66 -21.67 -0.17
N THR A 504 8.78 -21.24 0.73
CA THR A 504 7.46 -21.82 0.86
C THR A 504 6.42 -20.70 0.89
N THR A 505 5.20 -21.01 0.45
CA THR A 505 4.11 -20.04 0.51
C THR A 505 3.80 -19.68 1.96
N ALA A 506 3.94 -20.64 2.86
CA ALA A 506 3.66 -20.44 4.27
C ALA A 506 4.62 -19.44 4.91
N ALA A 507 5.92 -19.65 4.70
CA ALA A 507 6.95 -18.90 5.40
C ALA A 507 7.67 -17.88 4.52
N GLN A 508 7.66 -18.09 3.20
CA GLN A 508 8.22 -17.11 2.22
C GLN A 508 9.70 -16.76 2.44
N GLN A 509 10.51 -17.74 2.80
CA GLN A 509 11.93 -17.51 3.11
C GLN A 509 12.86 -17.46 1.88
N TYR A 510 13.76 -16.47 1.89
CA TYR A 510 14.81 -16.29 0.89
C TYR A 510 16.05 -15.77 1.59
N VAL A 511 17.20 -15.77 0.90
CA VAL A 511 18.47 -15.35 1.53
C VAL A 511 19.10 -14.13 0.83
N SER A 512 19.85 -13.34 1.60
CA SER A 512 20.70 -12.28 1.04
C SER A 512 22.04 -12.84 0.59
N LEU A 513 22.36 -12.60 -0.68
CA LEU A 513 23.68 -12.91 -1.23
C LEU A 513 24.49 -11.61 -1.26
N ASN A 514 25.45 -11.49 -0.35
CA ASN A 514 26.37 -10.36 -0.28
C ASN A 514 27.67 -10.80 0.40
N LEU A 515 28.54 -9.88 0.80
CA LEU A 515 29.83 -10.29 1.37
C LEU A 515 29.72 -10.87 2.78
N LYS A 516 28.58 -10.69 3.43
CA LYS A 516 28.34 -11.27 4.75
C LYS A 516 27.75 -12.67 4.59
N PRO A 517 27.88 -13.50 5.64
CA PRO A 517 27.28 -14.83 5.61
C PRO A 517 25.79 -14.77 5.38
N LEU A 518 25.22 -15.78 4.72
CA LEU A 518 23.79 -15.81 4.39
C LEU A 518 22.91 -15.34 5.55
N GLU A 519 22.00 -14.43 5.25
CA GLU A 519 20.96 -14.05 6.19
C GLU A 519 19.62 -14.42 5.57
N VAL A 520 18.75 -15.02 6.39
CA VAL A 520 17.42 -15.44 5.97
C VAL A 520 16.40 -14.31 6.20
N ARG A 521 15.64 -14.00 5.16
CA ARG A 521 14.59 -12.98 5.22
C ARG A 521 13.26 -13.59 4.82
N ARG A 522 12.19 -12.88 5.12
CA ARG A 522 10.83 -13.38 4.87
C ARG A 522 10.02 -12.43 4.02
N GLY A 523 9.37 -12.98 3.00
CA GLY A 523 8.50 -12.23 2.11
C GLY A 523 9.23 -11.38 1.08
N LEU A 524 9.10 -11.73 -0.20
CA LEU A 524 9.67 -10.92 -1.26
C LEU A 524 8.76 -9.76 -1.61
N ARG A 525 9.04 -8.60 -1.02
CA ARG A 525 8.22 -7.41 -1.23
C ARG A 525 6.77 -7.82 -1.12
N ALA A 526 6.44 -8.54 -0.04
CA ALA A 526 5.12 -9.11 0.16
C ALA A 526 4.00 -8.12 -0.08
N GLN A 527 3.98 -6.98 0.61
CA GLN A 527 2.87 -6.01 0.49
C GLN A 527 2.75 -5.44 -0.91
N THR A 528 3.85 -4.93 -1.42
CA THR A 528 3.89 -4.34 -2.76
C THR A 528 3.55 -5.35 -3.85
N CYS A 529 4.02 -6.60 -3.73
CA CYS A 529 3.73 -7.53 -4.80
C CYS A 529 2.27 -7.98 -4.78
N ALA A 530 1.58 -7.81 -3.64
CA ALA A 530 0.13 -8.01 -3.59
C ALA A 530 -0.57 -6.93 -4.41
N PHE A 531 -0.06 -5.72 -4.40
CA PHE A 531 -0.59 -4.66 -5.26
C PHE A 531 -0.50 -5.07 -6.74
N TRP A 532 0.70 -5.44 -7.18
CA TRP A 532 0.94 -5.82 -8.58
C TRP A 532 0.25 -7.12 -8.98
N ASN A 533 0.33 -8.12 -8.10
CA ASN A 533 -0.07 -9.48 -8.47
C ASN A 533 -1.51 -9.83 -8.18
N ARG A 534 -2.14 -9.12 -7.25
CA ARG A 534 -3.53 -9.40 -6.87
C ARG A 534 -4.45 -8.23 -7.18
N PHE A 535 -4.07 -7.01 -6.82
CA PHE A 535 -5.00 -5.89 -6.99
C PHE A 535 -5.12 -5.42 -8.43
N LEU A 536 -4.02 -5.05 -9.07
CA LEU A 536 -4.09 -4.52 -10.45
C LEU A 536 -4.86 -5.46 -11.43
N PRO A 537 -4.58 -6.76 -11.41
CA PRO A 537 -5.41 -7.65 -12.23
C PRO A 537 -6.91 -7.54 -11.94
N LYS A 538 -7.28 -7.39 -10.67
CA LYS A 538 -8.70 -7.26 -10.32
C LYS A 538 -9.26 -5.94 -10.84
N LEU A 539 -8.46 -4.90 -10.78
CA LEU A 539 -8.83 -3.62 -11.38
C LEU A 539 -9.10 -3.81 -12.86
N LEU A 540 -8.15 -4.47 -13.53
CA LEU A 540 -8.24 -4.78 -14.96
C LEU A 540 -9.52 -5.57 -15.34
N SER A 541 -9.81 -6.62 -14.59
CA SER A 541 -10.99 -7.47 -14.82
C SER A 541 -12.32 -6.70 -14.70
N ALA A 542 -12.39 -5.80 -13.73
CA ALA A 542 -13.59 -4.99 -13.51
C ALA A 542 -13.65 -3.81 -14.50
N THR A 543 -12.50 -3.17 -14.75
CA THR A 543 -12.44 -1.96 -15.60
C THR A 543 -12.37 -2.32 -17.08
N GLU B 4 -28.29 32.06 52.17
CA GLU B 4 -28.04 32.50 50.76
C GLU B 4 -26.58 32.96 50.57
N ASP B 5 -25.88 32.29 49.66
CA ASP B 5 -24.48 32.58 49.33
C ASP B 5 -24.43 33.45 48.06
N PRO B 6 -24.00 34.72 48.18
CA PRO B 6 -24.01 35.62 47.03
C PRO B 6 -23.18 35.18 45.82
N GLN B 7 -22.21 34.28 46.03
CA GLN B 7 -21.43 33.72 44.93
C GLN B 7 -22.28 32.80 44.05
N LEU B 8 -23.34 32.27 44.64
CA LEU B 8 -24.22 31.32 43.98
C LEU B 8 -25.43 32.02 43.34
N LEU B 9 -25.51 33.33 43.45
CA LEU B 9 -26.61 34.08 42.85
C LEU B 9 -26.14 34.87 41.65
N VAL B 10 -26.75 34.60 40.50
CA VAL B 10 -26.40 35.28 39.25
C VAL B 10 -27.66 35.80 38.56
N ARG B 11 -27.58 37.01 38.02
CA ARG B 11 -28.61 37.52 37.14
C ARG B 11 -28.12 37.42 35.71
N VAL B 12 -28.87 36.68 34.90
CA VAL B 12 -28.68 36.58 33.47
C VAL B 12 -29.84 37.33 32.79
N ARG B 13 -29.83 37.43 31.48
CA ARG B 13 -30.84 38.24 30.77
C ARG B 13 -32.27 37.76 31.04
N GLY B 14 -32.45 36.46 31.18
CA GLY B 14 -33.75 35.87 31.46
C GLY B 14 -34.22 36.03 32.90
N GLY B 15 -33.30 36.37 33.80
CA GLY B 15 -33.62 36.55 35.21
C GLY B 15 -32.59 35.96 36.14
N GLN B 16 -32.98 35.78 37.40
CA GLN B 16 -32.07 35.30 38.46
C GLN B 16 -31.97 33.78 38.54
N LEU B 17 -30.77 33.31 38.84
CA LEU B 17 -30.44 31.90 38.99
C LEU B 17 -29.77 31.69 40.34
N ARG B 18 -29.97 30.50 40.93
CA ARG B 18 -29.21 30.09 42.10
C ARG B 18 -28.51 28.78 41.80
N GLY B 19 -27.18 28.81 41.93
CA GLY B 19 -26.36 27.64 41.72
C GLY B 19 -26.05 26.94 43.02
N ILE B 20 -25.06 26.06 42.98
CA ILE B 20 -24.70 25.22 44.10
C ILE B 20 -23.18 25.18 44.21
N ARG B 21 -22.69 25.15 45.45
CA ARG B 21 -21.27 25.03 45.70
C ARG B 21 -20.94 23.55 45.77
N LEU B 22 -20.08 23.10 44.87
CA LEU B 22 -19.69 21.71 44.80
C LEU B 22 -18.25 21.58 45.26
N LYS B 23 -17.88 20.37 45.65
CA LYS B 23 -16.56 20.12 46.20
C LYS B 23 -15.70 19.49 45.13
N ALA B 24 -14.60 20.15 44.77
CA ALA B 24 -13.54 19.54 43.98
C ALA B 24 -12.43 19.15 44.97
N PRO B 25 -11.55 18.19 44.59
CA PRO B 25 -10.51 17.72 45.52
C PRO B 25 -9.66 18.84 46.13
N GLY B 26 -9.38 19.87 45.34
CA GLY B 26 -8.52 20.98 45.78
C GLY B 26 -9.26 22.16 46.38
N GLY B 27 -10.59 22.11 46.34
CA GLY B 27 -11.41 23.22 46.83
C GLY B 27 -12.76 23.30 46.16
N PRO B 28 -13.56 24.32 46.54
CA PRO B 28 -14.91 24.45 46.02
C PRO B 28 -14.98 25.03 44.61
N VAL B 29 -16.06 24.70 43.91
CA VAL B 29 -16.42 25.36 42.65
C VAL B 29 -17.90 25.75 42.74
N SER B 30 -18.32 26.66 41.86
CA SER B 30 -19.72 27.04 41.74
C SER B 30 -20.28 26.39 40.49
N ALA B 31 -21.43 25.74 40.63
CA ALA B 31 -22.07 25.04 39.52
C ALA B 31 -23.48 25.57 39.33
N PHE B 32 -23.80 25.98 38.12
CA PHE B 32 -25.14 26.40 37.74
C PHE B 32 -25.64 25.42 36.68
N LEU B 33 -26.49 24.49 37.13
CA LEU B 33 -26.86 23.34 36.34
C LEU B 33 -28.32 23.42 35.93
N GLY B 34 -28.61 23.02 34.70
CA GLY B 34 -29.98 22.98 34.22
C GLY B 34 -30.58 24.33 33.91
N ILE B 35 -29.79 25.22 33.31
CA ILE B 35 -30.27 26.54 32.94
C ILE B 35 -30.95 26.48 31.57
N PRO B 36 -32.21 26.94 31.49
CA PRO B 36 -32.91 26.84 30.22
C PRO B 36 -32.40 27.87 29.23
N PHE B 37 -32.05 27.44 28.02
CA PHE B 37 -31.61 28.36 26.96
C PHE B 37 -32.59 28.45 25.78
N ALA B 38 -33.60 27.59 25.77
CA ALA B 38 -34.61 27.63 24.74
C ALA B 38 -36.01 27.31 25.32
N GLU B 39 -37.03 27.68 24.56
CA GLU B 39 -38.37 27.18 24.81
C GLU B 39 -38.36 25.68 24.57
N PRO B 40 -38.98 24.90 25.47
CA PRO B 40 -39.06 23.44 25.25
C PRO B 40 -39.58 23.07 23.85
N PRO B 41 -38.81 22.26 23.08
CA PRO B 41 -39.17 21.93 21.71
C PRO B 41 -40.17 20.78 21.66
N VAL B 42 -41.36 21.04 22.21
CA VAL B 42 -42.37 20.02 22.43
C VAL B 42 -43.64 20.34 21.64
N GLY B 43 -44.45 19.30 21.41
CA GLY B 43 -45.69 19.44 20.68
C GLY B 43 -45.47 19.90 19.25
N SER B 44 -45.96 21.09 18.94
CA SER B 44 -45.83 21.65 17.59
C SER B 44 -44.41 22.04 17.24
N ARG B 45 -43.55 22.20 18.26
CA ARG B 45 -42.17 22.61 18.07
C ARG B 45 -41.22 21.46 17.79
N ARG B 46 -41.71 20.23 17.83
CA ARG B 46 -40.89 19.07 17.47
C ARG B 46 -40.40 19.23 16.03
N PHE B 47 -39.10 18.98 15.83
CA PHE B 47 -38.41 19.10 14.53
C PHE B 47 -38.14 20.53 14.09
N MET B 48 -38.58 21.51 14.88
CA MET B 48 -38.47 22.91 14.50
C MET B 48 -37.22 23.52 15.14
N PRO B 49 -36.68 24.57 14.51
CA PRO B 49 -35.60 25.32 15.15
C PRO B 49 -35.94 25.75 16.60
N PRO B 50 -34.92 25.90 17.46
CA PRO B 50 -35.17 26.30 18.84
C PRO B 50 -35.49 27.78 18.90
N GLU B 51 -36.40 28.17 19.79
CA GLU B 51 -36.64 29.59 20.02
C GLU B 51 -36.05 29.94 21.39
N PRO B 52 -35.57 31.19 21.56
CA PRO B 52 -35.03 31.64 22.83
C PRO B 52 -35.98 31.48 24.01
N LYS B 53 -35.43 31.16 25.17
CA LYS B 53 -36.19 30.96 26.38
C LYS B 53 -36.79 32.28 26.86
N ARG B 54 -38.10 32.27 27.11
CA ARG B 54 -38.76 33.44 27.69
C ARG B 54 -38.22 33.70 29.11
N PRO B 55 -38.05 34.99 29.48
CA PRO B 55 -37.62 35.37 30.83
C PRO B 55 -38.53 34.81 31.90
N TRP B 56 -38.01 34.66 33.11
CA TRP B 56 -38.73 34.04 34.24
C TRP B 56 -38.70 34.93 35.47
N SER B 57 -39.69 34.74 36.33
CA SER B 57 -39.81 35.51 37.57
C SER B 57 -39.04 34.83 38.69
N GLY B 58 -38.72 35.57 39.74
CA GLY B 58 -38.09 34.96 40.91
C GLY B 58 -36.70 34.42 40.63
N VAL B 59 -36.28 33.46 41.45
CA VAL B 59 -34.96 32.85 41.37
C VAL B 59 -35.11 31.42 40.86
N LEU B 60 -34.50 31.14 39.71
CA LEU B 60 -34.58 29.82 39.09
C LEU B 60 -33.58 28.91 39.75
N ASP B 61 -34.04 27.74 40.17
CA ASP B 61 -33.19 26.75 40.83
C ASP B 61 -32.29 26.07 39.80
N ALA B 62 -30.99 26.39 39.84
CA ALA B 62 -29.98 25.84 38.90
C ALA B 62 -28.95 24.99 39.67
N THR B 63 -29.45 24.07 40.49
CA THR B 63 -28.61 23.26 41.38
C THR B 63 -28.53 21.78 40.99
N THR B 64 -29.32 21.36 40.00
CA THR B 64 -29.33 19.96 39.56
C THR B 64 -29.36 19.87 38.03
N PHE B 65 -28.86 18.78 37.48
CA PHE B 65 -28.90 18.55 36.04
C PHE B 65 -30.36 18.38 35.59
N GLN B 66 -30.65 18.85 34.39
CA GLN B 66 -31.98 18.68 33.78
C GLN B 66 -32.12 17.33 33.05
N ASN B 67 -33.28 17.13 32.43
CA ASN B 67 -33.54 15.89 31.72
C ASN B 67 -32.65 15.70 30.48
N VAL B 68 -32.46 14.44 30.13
CA VAL B 68 -31.65 14.07 29.00
C VAL B 68 -32.56 14.09 27.77
N CYS B 69 -32.07 14.63 26.66
CA CYS B 69 -32.85 14.67 25.43
C CYS B 69 -33.26 13.26 25.04
N TYR B 70 -34.50 13.11 24.58
CA TYR B 70 -35.03 11.79 24.29
C TYR B 70 -34.16 11.05 23.27
N GLN B 71 -33.81 9.82 23.62
CA GLN B 71 -32.86 9.07 22.82
C GLN B 71 -32.94 7.59 23.08
N TYR B 72 -32.45 6.85 22.09
CA TYR B 72 -32.17 5.44 22.19
C TYR B 72 -31.21 5.14 23.34
N VAL B 73 -31.52 4.08 24.08
CA VAL B 73 -30.69 3.66 25.20
C VAL B 73 -30.06 2.31 24.86
N ASP B 74 -28.75 2.20 25.06
CA ASP B 74 -28.02 1.00 24.68
C ASP B 74 -28.37 -0.22 25.51
N THR B 75 -28.50 -1.36 24.84
CA THR B 75 -28.86 -2.62 25.49
C THR B 75 -27.90 -3.77 25.10
N LEU B 76 -26.75 -3.45 24.51
CA LEU B 76 -25.84 -4.48 24.01
C LEU B 76 -25.36 -5.37 25.17
N TYR B 77 -24.81 -4.74 26.21
CA TYR B 77 -24.29 -5.44 27.37
C TYR B 77 -24.93 -4.89 28.65
N PRO B 78 -26.15 -5.34 28.96
CA PRO B 78 -26.86 -4.85 30.16
C PRO B 78 -26.06 -5.03 31.44
N GLY B 79 -25.91 -3.96 32.21
CA GLY B 79 -25.18 -3.99 33.47
C GLY B 79 -23.69 -3.71 33.38
N PHE B 80 -23.18 -3.46 32.16
CA PHE B 80 -21.75 -3.30 31.91
C PHE B 80 -21.36 -1.81 31.89
N GLU B 81 -20.43 -1.44 32.77
CA GLU B 81 -19.97 -0.05 32.91
C GLU B 81 -19.45 0.57 31.62
N GLY B 82 -18.71 -0.20 30.83
CA GLY B 82 -18.15 0.27 29.57
C GLY B 82 -19.18 0.79 28.58
N THR B 83 -20.37 0.21 28.60
CA THR B 83 -21.49 0.72 27.79
C THR B 83 -22.38 1.68 28.60
N GLU B 84 -22.67 1.34 29.85
CA GLU B 84 -23.64 2.11 30.62
C GLU B 84 -23.13 3.47 31.10
N MET B 85 -21.81 3.68 31.04
CA MET B 85 -21.26 5.00 31.39
C MET B 85 -21.65 6.08 30.35
N TRP B 86 -22.10 5.65 29.18
CA TRP B 86 -22.57 6.57 28.14
C TRP B 86 -24.09 6.68 28.08
N ASN B 87 -24.78 5.83 28.84
CA ASN B 87 -26.25 5.84 28.87
C ASN B 87 -26.80 7.02 29.68
N PRO B 88 -28.04 7.43 29.40
CA PRO B 88 -28.60 8.55 30.16
C PRO B 88 -28.56 8.30 31.66
N ASN B 89 -28.20 9.34 32.41
CA ASN B 89 -28.18 9.28 33.86
C ASN B 89 -29.24 10.17 34.50
N ARG B 90 -30.09 10.79 33.69
CA ARG B 90 -31.32 11.44 34.16
C ARG B 90 -32.48 11.00 33.29
N GLU B 91 -33.69 11.38 33.67
CA GLU B 91 -34.90 10.99 32.93
C GLU B 91 -34.85 11.57 31.52
N LEU B 92 -35.42 10.83 30.58
CA LEU B 92 -35.50 11.26 29.21
C LEU B 92 -36.69 12.21 29.05
N SER B 93 -36.50 13.27 28.28
CA SER B 93 -37.61 14.15 27.96
C SER B 93 -37.28 14.88 26.69
N GLU B 94 -38.31 15.20 25.91
CA GLU B 94 -38.14 16.14 24.81
C GLU B 94 -37.92 17.55 25.32
N ASP B 95 -38.33 17.82 26.56
CA ASP B 95 -38.05 19.10 27.19
C ASP B 95 -36.68 18.97 27.79
N CYS B 96 -35.65 19.31 26.99
CA CYS B 96 -34.28 19.03 27.38
C CYS B 96 -33.25 20.12 27.05
N LEU B 97 -33.73 21.28 26.58
CA LEU B 97 -32.81 22.32 26.11
C LEU B 97 -32.29 23.20 27.27
N TYR B 98 -31.32 22.64 27.99
CA TYR B 98 -30.70 23.25 29.17
C TYR B 98 -29.19 23.16 29.07
N LEU B 99 -28.51 24.10 29.71
CA LEU B 99 -27.06 24.09 29.77
C LEU B 99 -26.53 24.25 31.20
N ASN B 100 -25.24 23.98 31.34
CA ASN B 100 -24.57 23.88 32.63
C ASN B 100 -23.30 24.74 32.59
N VAL B 101 -23.05 25.47 33.68
CA VAL B 101 -21.86 26.32 33.85
C VAL B 101 -21.16 25.96 35.16
N TRP B 102 -19.87 25.61 35.09
CA TRP B 102 -18.99 25.54 36.27
C TRP B 102 -18.04 26.71 36.24
N THR B 103 -17.83 27.33 37.40
CA THR B 103 -16.83 28.39 37.55
C THR B 103 -16.06 28.18 38.84
N PRO B 104 -14.89 28.82 38.97
CA PRO B 104 -14.18 28.89 40.25
C PRO B 104 -14.99 29.54 41.37
N TYR B 105 -14.78 29.04 42.59
CA TYR B 105 -15.36 29.62 43.80
C TYR B 105 -14.22 30.18 44.64
N PRO B 106 -14.19 31.51 44.87
CA PRO B 106 -15.13 32.53 44.41
C PRO B 106 -15.06 32.81 42.90
N ARG B 107 -16.15 33.39 42.40
CA ARG B 107 -16.30 33.84 41.01
C ARG B 107 -15.07 34.65 40.61
N PRO B 108 -14.52 34.39 39.41
CA PRO B 108 -13.28 35.06 39.00
C PRO B 108 -13.38 36.59 39.01
N ALA B 109 -12.28 37.24 39.41
CA ALA B 109 -12.19 38.70 39.49
C ALA B 109 -12.07 39.36 38.10
N SER B 110 -11.36 38.70 37.20
CA SER B 110 -11.20 39.20 35.83
C SER B 110 -11.80 38.20 34.81
N PRO B 111 -12.17 38.69 33.61
CA PRO B 111 -12.75 37.84 32.56
C PRO B 111 -11.93 36.59 32.24
N THR B 112 -12.54 35.42 32.36
CA THR B 112 -11.83 34.14 32.25
C THR B 112 -12.16 33.40 30.96
N PRO B 113 -11.14 32.83 30.31
CA PRO B 113 -11.41 32.00 29.13
C PRO B 113 -12.46 30.93 29.36
N VAL B 114 -13.34 30.76 28.38
CA VAL B 114 -14.46 29.86 28.45
C VAL B 114 -14.23 28.66 27.55
N LEU B 115 -14.51 27.46 28.09
CA LEU B 115 -14.51 26.21 27.30
C LEU B 115 -15.95 25.71 27.21
N ILE B 116 -16.43 25.44 26.00
CA ILE B 116 -17.78 24.92 25.79
C ILE B 116 -17.69 23.51 25.25
N TRP B 117 -18.16 22.55 26.04
CA TRP B 117 -18.16 21.13 25.65
C TRP B 117 -19.40 20.78 24.89
N ILE B 118 -19.21 20.06 23.77
CA ILE B 118 -20.30 19.50 22.94
C ILE B 118 -20.08 17.98 22.89
N TYR B 119 -20.97 17.25 23.55
CA TYR B 119 -20.86 15.78 23.62
C TYR B 119 -21.07 15.08 22.29
N GLY B 120 -20.52 13.86 22.21
CA GLY B 120 -20.78 12.93 21.11
C GLY B 120 -21.80 11.86 21.48
N GLY B 121 -21.86 10.81 20.66
CA GLY B 121 -23.00 9.87 20.66
C GLY B 121 -23.67 9.67 19.30
N GLY B 122 -22.91 9.80 18.21
CA GLY B 122 -23.39 9.54 16.86
C GLY B 122 -24.59 10.35 16.41
N PHE B 123 -24.77 11.52 17.05
CA PHE B 123 -25.95 12.37 16.84
C PHE B 123 -27.29 11.71 17.20
N TYR B 124 -27.23 10.54 17.85
CA TYR B 124 -28.43 9.81 18.27
C TYR B 124 -28.51 9.66 19.80
N SER B 125 -27.48 10.12 20.51
CA SER B 125 -27.38 9.90 21.95
C SER B 125 -26.45 10.90 22.60
N GLY B 126 -26.40 10.86 23.94
CA GLY B 126 -25.51 11.69 24.74
C GLY B 126 -26.22 12.66 25.67
N ALA B 127 -25.48 13.16 26.64
CA ALA B 127 -26.00 14.13 27.61
C ALA B 127 -24.86 14.89 28.24
N ALA B 128 -25.09 16.17 28.55
CA ALA B 128 -24.10 16.98 29.25
C ALA B 128 -23.92 16.58 30.73
N SER B 129 -24.82 15.72 31.23
CA SER B 129 -24.85 15.33 32.64
C SER B 129 -24.05 14.06 32.98
N LEU B 130 -23.44 13.41 32.00
CA LEU B 130 -22.63 12.22 32.25
C LEU B 130 -21.45 12.56 33.17
N ASP B 131 -21.04 11.60 33.99
CA ASP B 131 -19.97 11.84 34.97
C ASP B 131 -18.66 12.26 34.32
N VAL B 132 -18.35 11.70 33.14
CA VAL B 132 -17.08 11.99 32.46
C VAL B 132 -16.97 13.40 31.91
N TYR B 133 -18.09 14.11 31.81
CA TYR B 133 -18.12 15.49 31.34
C TYR B 133 -18.19 16.49 32.51
N ASP B 134 -17.91 16.00 33.71
CA ASP B 134 -17.95 16.82 34.92
C ASP B 134 -16.89 17.93 34.85
N GLY B 135 -17.34 19.17 34.92
CA GLY B 135 -16.48 20.34 34.75
C GLY B 135 -15.80 20.90 36.00
N ARG B 136 -15.99 20.26 37.15
CA ARG B 136 -15.50 20.84 38.39
C ARG B 136 -13.96 20.86 38.47
N PHE B 137 -13.31 19.88 37.84
CA PHE B 137 -11.84 19.79 37.94
C PHE B 137 -11.17 20.87 37.10
N LEU B 138 -11.61 21.05 35.85
CA LEU B 138 -11.05 22.14 35.02
C LEU B 138 -11.30 23.50 35.67
N ALA B 139 -12.48 23.65 36.28
CA ALA B 139 -12.86 24.88 36.96
C ALA B 139 -11.94 25.17 38.13
N GLN B 140 -11.80 24.19 39.03
CA GLN B 140 -11.06 24.38 40.26
C GLN B 140 -9.56 24.48 40.01
N VAL B 141 -9.02 23.56 39.21
CA VAL B 141 -7.57 23.42 39.06
C VAL B 141 -6.99 24.43 38.07
N GLU B 142 -7.69 24.66 36.97
CA GLU B 142 -7.20 25.57 35.93
C GLU B 142 -7.88 26.93 35.92
N GLY B 143 -8.87 27.13 36.79
CA GLY B 143 -9.56 28.41 36.88
C GLY B 143 -10.46 28.69 35.70
N ALA B 144 -10.88 27.64 34.99
CA ALA B 144 -11.66 27.80 33.77
C ALA B 144 -13.15 27.95 34.06
N VAL B 145 -13.84 28.66 33.16
CA VAL B 145 -15.29 28.64 33.09
C VAL B 145 -15.70 27.60 32.04
N LEU B 146 -16.36 26.55 32.48
CA LEU B 146 -16.76 25.46 31.60
C LEU B 146 -18.27 25.45 31.35
N VAL B 147 -18.66 25.42 30.08
CA VAL B 147 -20.07 25.35 29.71
C VAL B 147 -20.32 24.06 28.94
N SER B 148 -21.48 23.44 29.19
CA SER B 148 -21.95 22.33 28.35
C SER B 148 -23.46 22.43 28.17
N MET B 149 -23.95 22.10 26.98
CA MET B 149 -25.38 22.13 26.70
C MET B 149 -25.90 20.78 26.27
N ASN B 150 -27.18 20.55 26.50
CA ASN B 150 -27.90 19.48 25.85
C ASN B 150 -28.35 19.99 24.50
N TYR B 151 -28.31 19.12 23.50
CA TYR B 151 -28.88 19.43 22.20
C TYR B 151 -29.66 18.21 21.72
N ARG B 152 -30.70 18.44 20.95
CA ARG B 152 -31.55 17.37 20.45
C ARG B 152 -30.81 16.40 19.53
N VAL B 153 -31.06 15.12 19.73
CA VAL B 153 -30.43 14.04 18.98
C VAL B 153 -31.49 13.18 18.31
N GLY B 154 -31.05 12.26 17.46
CA GLY B 154 -31.97 11.35 16.75
C GLY B 154 -32.91 12.08 15.80
N THR B 155 -34.10 11.53 15.62
CA THR B 155 -35.16 12.18 14.84
C THR B 155 -35.47 13.59 15.36
N PHE B 156 -35.45 13.75 16.68
CA PHE B 156 -35.86 15.01 17.27
C PHE B 156 -34.90 16.13 16.91
N GLY B 157 -33.62 15.80 16.81
CA GLY B 157 -32.59 16.75 16.43
C GLY B 157 -32.30 16.84 14.96
N PHE B 158 -32.39 15.74 14.22
CA PHE B 158 -31.89 15.70 12.84
C PHE B 158 -32.84 15.11 11.77
N LEU B 159 -34.06 14.73 12.12
CA LEU B 159 -35.02 14.35 11.08
C LEU B 159 -35.32 15.57 10.23
N ALA B 160 -35.22 15.39 8.91
CA ALA B 160 -35.28 16.50 7.97
C ALA B 160 -36.10 16.13 6.75
N LEU B 161 -36.94 17.05 6.33
CA LEU B 161 -37.56 17.02 5.00
C LEU B 161 -37.09 18.30 4.32
N PRO B 162 -35.92 18.22 3.67
CA PRO B 162 -35.22 19.39 3.17
C PRO B 162 -36.09 20.26 2.27
N GLY B 163 -36.08 21.56 2.53
CA GLY B 163 -36.91 22.49 1.79
C GLY B 163 -38.22 22.77 2.49
N SER B 164 -38.61 21.91 3.44
CA SER B 164 -39.84 22.11 4.22
C SER B 164 -39.65 23.18 5.29
N ARG B 165 -40.76 23.81 5.66
CA ARG B 165 -40.76 24.82 6.70
C ARG B 165 -40.70 24.14 8.06
N GLU B 166 -41.38 22.99 8.17
CA GLU B 166 -41.67 22.38 9.46
C GLU B 166 -40.61 21.41 9.99
N ALA B 167 -39.80 20.84 9.09
CA ALA B 167 -38.70 19.93 9.46
C ALA B 167 -37.50 20.21 8.55
N PRO B 168 -36.88 21.38 8.71
CA PRO B 168 -35.82 21.80 7.80
C PRO B 168 -34.47 21.08 7.97
N GLY B 169 -34.31 20.31 9.04
CA GLY B 169 -33.03 19.66 9.34
C GLY B 169 -32.09 20.52 10.18
N ASN B 170 -31.09 19.86 10.77
CA ASN B 170 -30.01 20.48 11.52
C ASN B 170 -30.42 21.24 12.79
N VAL B 171 -31.60 20.94 13.33
CA VAL B 171 -32.12 21.70 14.48
C VAL B 171 -31.31 21.44 15.74
N GLY B 172 -30.81 20.21 15.90
CA GLY B 172 -29.89 19.92 17.00
C GLY B 172 -28.61 20.77 16.95
N LEU B 173 -28.15 21.10 15.75
CA LEU B 173 -27.00 22.00 15.60
C LEU B 173 -27.41 23.44 15.91
N LEU B 174 -28.64 23.80 15.58
CA LEU B 174 -29.17 25.12 15.93
C LEU B 174 -29.35 25.24 17.45
N ASP B 175 -29.64 24.12 18.11
CA ASP B 175 -29.67 24.10 19.58
C ASP B 175 -28.31 24.49 20.14
N GLN B 176 -27.26 23.86 19.61
CA GLN B 176 -25.90 24.17 20.03
C GLN B 176 -25.60 25.64 19.81
N ARG B 177 -25.93 26.13 18.61
CA ARG B 177 -25.67 27.53 18.29
C ARG B 177 -26.35 28.50 19.25
N LEU B 178 -27.59 28.20 19.61
CA LEU B 178 -28.33 29.03 20.53
C LEU B 178 -27.66 29.04 21.90
N ALA B 179 -27.18 27.88 22.35
CA ALA B 179 -26.39 27.78 23.59
C ALA B 179 -25.12 28.65 23.51
N LEU B 180 -24.53 28.70 22.32
CA LEU B 180 -23.35 29.53 22.07
C LEU B 180 -23.69 31.03 22.13
N GLN B 181 -24.84 31.40 21.54
CA GLN B 181 -25.31 32.80 21.60
C GLN B 181 -25.59 33.19 23.05
N TRP B 182 -26.12 32.24 23.83
CA TRP B 182 -26.41 32.46 25.24
C TRP B 182 -25.12 32.81 25.98
N VAL B 183 -24.06 32.06 25.72
CA VAL B 183 -22.76 32.33 26.34
C VAL B 183 -22.31 33.76 26.02
N GLN B 184 -22.45 34.19 24.77
CA GLN B 184 -22.03 35.56 24.39
C GLN B 184 -22.74 36.62 25.22
N GLU B 185 -24.06 36.45 25.32
CA GLU B 185 -24.92 37.40 26.02
C GLU B 185 -24.80 37.36 27.55
N ASN B 186 -24.38 36.22 28.11
CA ASN B 186 -24.56 35.95 29.55
C ASN B 186 -23.34 35.51 30.37
N ILE B 187 -22.26 35.07 29.72
CA ILE B 187 -21.16 34.44 30.44
C ILE B 187 -20.36 35.43 31.32
N ALA B 188 -20.34 36.69 30.92
CA ALA B 188 -19.72 37.75 31.71
C ALA B 188 -20.27 37.80 33.14
N ALA B 189 -21.55 37.49 33.30
CA ALA B 189 -22.18 37.50 34.62
C ALA B 189 -21.55 36.46 35.55
N PHE B 190 -20.98 35.41 34.97
CA PHE B 190 -20.34 34.35 35.74
C PHE B 190 -18.83 34.59 35.86
N GLY B 191 -18.32 35.63 35.20
CA GLY B 191 -16.90 35.91 35.16
C GLY B 191 -16.16 35.32 33.96
N GLY B 192 -16.91 34.84 32.99
CA GLY B 192 -16.33 34.30 31.77
C GLY B 192 -16.10 35.39 30.74
N ASP B 193 -15.10 35.19 29.89
CA ASP B 193 -14.78 36.15 28.83
C ASP B 193 -15.47 35.76 27.52
N PRO B 194 -16.52 36.51 27.11
CA PRO B 194 -17.14 36.18 25.82
C PRO B 194 -16.23 36.39 24.61
N MET B 195 -15.13 37.12 24.80
CA MET B 195 -14.14 37.32 23.74
C MET B 195 -13.08 36.22 23.72
N SER B 196 -13.22 35.19 24.56
CA SER B 196 -12.34 34.03 24.52
C SER B 196 -13.09 32.73 24.81
N VAL B 197 -13.67 32.15 23.76
CA VAL B 197 -14.52 30.97 23.84
C VAL B 197 -13.91 29.89 22.98
N THR B 198 -13.61 28.75 23.59
CA THR B 198 -13.06 27.61 22.88
C THR B 198 -14.10 26.49 22.89
N LEU B 199 -14.47 26.02 21.70
CA LEU B 199 -15.35 24.85 21.62
C LEU B 199 -14.49 23.63 21.71
N PHE B 200 -14.95 22.62 22.43
CA PHE B 200 -14.34 21.29 22.34
C PHE B 200 -15.42 20.22 22.40
N GLY B 201 -15.16 19.12 21.71
CA GLY B 201 -16.10 18.01 21.63
C GLY B 201 -15.42 16.75 21.16
N GLU B 202 -16.06 15.60 21.39
CA GLU B 202 -15.55 14.32 20.92
C GLU B 202 -16.59 13.59 20.05
N SER B 203 -16.08 12.88 19.03
CA SER B 203 -16.91 12.08 18.14
C SER B 203 -17.92 13.00 17.42
N ALA B 204 -19.22 12.72 17.49
CA ALA B 204 -20.24 13.61 16.92
C ALA B 204 -20.11 15.05 17.46
N GLY B 205 -19.66 15.18 18.71
CA GLY B 205 -19.38 16.50 19.28
C GLY B 205 -18.26 17.25 18.53
N ALA B 206 -17.27 16.51 18.07
CA ALA B 206 -16.17 17.05 17.29
C ALA B 206 -16.65 17.40 15.88
N ALA B 207 -17.43 16.53 15.25
CA ALA B 207 -18.06 16.85 13.98
C ALA B 207 -18.90 18.13 14.08
N SER B 208 -19.66 18.23 15.18
CA SER B 208 -20.45 19.44 15.50
C SER B 208 -19.57 20.69 15.56
N VAL B 209 -18.49 20.64 16.35
CA VAL B 209 -17.49 21.74 16.35
C VAL B 209 -17.05 22.11 14.93
N GLY B 210 -16.72 21.10 14.12
CA GLY B 210 -16.35 21.31 12.72
C GLY B 210 -17.42 22.02 11.90
N MET B 211 -18.66 21.62 12.10
CA MET B 211 -19.76 22.28 11.40
C MET B 211 -19.96 23.73 11.82
N HIS B 212 -19.75 24.05 13.10
CA HIS B 212 -19.72 25.46 13.51
C HIS B 212 -18.57 26.20 12.85
N ILE B 213 -17.41 25.55 12.70
CA ILE B 213 -16.33 26.16 11.94
C ILE B 213 -16.74 26.46 10.49
N LEU B 214 -17.54 25.57 9.90
CA LEU B 214 -17.93 25.72 8.50
C LEU B 214 -19.26 26.46 8.27
N SER B 215 -19.90 26.94 9.33
CA SER B 215 -21.15 27.69 9.18
C SER B 215 -20.99 29.13 9.70
N LEU B 216 -21.07 30.08 8.77
CA LEU B 216 -20.75 31.49 9.07
C LEU B 216 -21.42 32.06 10.31
N PRO B 217 -22.76 31.90 10.44
CA PRO B 217 -23.39 32.49 11.63
C PRO B 217 -22.85 31.97 12.98
N SER B 218 -22.17 30.82 12.99
CA SER B 218 -21.55 30.31 14.22
C SER B 218 -20.19 30.95 14.52
N ARG B 219 -19.48 31.38 13.47
CA ARG B 219 -18.09 31.83 13.60
C ARG B 219 -17.90 33.06 14.48
N SER B 220 -18.92 33.90 14.57
CA SER B 220 -18.86 35.04 15.46
C SER B 220 -19.05 34.67 16.94
N LEU B 221 -19.32 33.40 17.23
CA LEU B 221 -19.64 32.97 18.60
C LEU B 221 -18.52 32.21 19.31
N PHE B 222 -17.36 32.05 18.66
CA PHE B 222 -16.22 31.38 19.25
C PHE B 222 -14.95 31.76 18.50
N HIS B 223 -13.79 31.41 19.09
CA HIS B 223 -12.48 31.83 18.59
C HIS B 223 -11.52 30.69 18.29
N ARG B 224 -11.72 29.56 18.94
CA ARG B 224 -10.83 28.40 18.83
C ARG B 224 -11.66 27.15 18.97
N ALA B 225 -11.12 26.03 18.49
CA ALA B 225 -11.85 24.78 18.40
C ALA B 225 -10.95 23.58 18.69
N VAL B 226 -11.50 22.59 19.37
CA VAL B 226 -10.85 21.30 19.58
C VAL B 226 -11.76 20.20 19.06
N LEU B 227 -11.26 19.38 18.13
CA LEU B 227 -12.01 18.23 17.58
C LEU B 227 -11.31 16.95 17.97
N GLN B 228 -11.93 16.21 18.88
CA GLN B 228 -11.37 14.97 19.39
C GLN B 228 -12.08 13.80 18.70
N SER B 229 -11.35 13.05 17.87
CA SER B 229 -11.90 11.83 17.24
C SER B 229 -13.19 12.05 16.47
N GLY B 230 -13.22 13.07 15.61
CA GLY B 230 -14.42 13.39 14.85
C GLY B 230 -14.23 14.61 14.00
N THR B 231 -14.92 14.63 12.86
CA THR B 231 -14.73 15.63 11.82
C THR B 231 -16.06 15.84 11.11
N PRO B 232 -16.29 17.02 10.53
CA PRO B 232 -17.51 17.24 9.74
C PRO B 232 -17.46 16.55 8.39
N ASN B 233 -16.27 16.50 7.80
CA ASN B 233 -16.04 15.71 6.61
C ASN B 233 -16.06 14.24 6.98
N GLY B 234 -15.97 13.39 5.97
CA GLY B 234 -15.97 11.95 6.22
C GLY B 234 -17.31 11.29 6.00
N PRO B 235 -17.35 9.96 6.20
CA PRO B 235 -18.46 9.12 5.72
C PRO B 235 -19.76 9.07 6.53
N TRP B 236 -19.73 9.53 7.79
CA TRP B 236 -20.86 9.31 8.70
C TRP B 236 -21.52 10.58 9.29
N ALA B 237 -20.83 11.71 9.23
CA ALA B 237 -21.25 12.92 9.98
C ALA B 237 -22.31 13.73 9.25
N THR B 238 -22.46 13.49 7.94
CA THR B 238 -23.49 14.15 7.14
C THR B 238 -24.17 13.21 6.14
N VAL B 239 -25.32 13.66 5.68
CA VAL B 239 -26.03 13.02 4.57
C VAL B 239 -26.47 14.10 3.61
N SER B 240 -26.70 13.70 2.36
CA SER B 240 -27.30 14.59 1.37
C SER B 240 -28.76 14.79 1.70
N ALA B 241 -29.34 15.85 1.14
CA ALA B 241 -30.76 16.15 1.32
C ALA B 241 -31.62 14.99 0.85
N GLY B 242 -31.23 14.40 -0.28
CA GLY B 242 -31.94 13.26 -0.84
C GLY B 242 -32.00 12.11 0.12
N GLU B 243 -30.88 11.78 0.74
CA GLU B 243 -30.80 10.63 1.63
C GLU B 243 -31.54 10.90 2.96
N ALA B 244 -31.51 12.15 3.42
CA ALA B 244 -32.26 12.59 4.62
C ALA B 244 -33.77 12.45 4.38
N ARG B 245 -34.23 12.91 3.23
CA ARG B 245 -35.63 12.77 2.84
C ARG B 245 -36.07 11.31 2.78
N ARG B 246 -35.25 10.48 2.15
CA ARG B 246 -35.48 9.04 2.03
C ARG B 246 -35.71 8.42 3.40
N ARG B 247 -34.80 8.71 4.33
CA ARG B 247 -34.86 8.14 5.69
C ARG B 247 -36.05 8.64 6.50
N ALA B 248 -36.38 9.93 6.35
CA ALA B 248 -37.52 10.51 7.06
C ALA B 248 -38.83 9.93 6.52
N THR B 249 -38.92 9.85 5.20
CA THR B 249 -40.08 9.26 4.53
C THR B 249 -40.28 7.79 4.94
N LEU B 250 -39.18 7.05 5.10
CA LEU B 250 -39.26 5.65 5.49
C LEU B 250 -39.69 5.48 6.96
N LEU B 251 -39.13 6.29 7.85
CA LEU B 251 -39.52 6.23 9.27
C LEU B 251 -41.02 6.54 9.41
N ALA B 252 -41.48 7.56 8.70
CA ALA B 252 -42.89 7.94 8.65
C ALA B 252 -43.76 6.75 8.22
N ARG B 253 -43.34 6.07 7.16
CA ARG B 253 -44.04 4.89 6.69
C ARG B 253 -44.09 3.82 7.79
N LEU B 254 -42.95 3.56 8.42
CA LEU B 254 -42.86 2.57 9.49
C LEU B 254 -43.74 2.87 10.72
N VAL B 255 -44.01 4.14 10.99
CA VAL B 255 -44.88 4.50 12.13
C VAL B 255 -46.30 4.80 11.67
N GLY B 256 -46.62 4.46 10.43
CA GLY B 256 -47.97 4.58 9.94
C GLY B 256 -48.37 6.00 9.57
N CYS B 257 -47.39 6.83 9.21
CA CYS B 257 -47.68 8.21 8.86
C CYS B 257 -47.68 8.43 7.35
N PRO B 258 -48.86 8.68 6.80
CA PRO B 258 -48.95 8.88 5.36
C PRO B 258 -48.63 10.34 4.99
N ASN B 265 -47.32 15.43 0.32
CA ASN B 265 -47.19 16.70 1.03
C ASN B 265 -46.39 16.62 2.35
N ASP B 266 -45.34 17.44 2.48
CA ASP B 266 -44.47 17.43 3.66
C ASP B 266 -45.21 17.79 4.95
N THR B 267 -46.06 18.82 4.87
CA THR B 267 -46.79 19.32 6.02
C THR B 267 -47.61 18.22 6.69
N GLU B 268 -48.37 17.48 5.89
CA GLU B 268 -49.19 16.35 6.37
C GLU B 268 -48.31 15.31 7.05
N LEU B 269 -47.24 14.91 6.36
CA LEU B 269 -46.32 13.90 6.86
C LEU B 269 -45.76 14.32 8.23
N ILE B 270 -45.29 15.55 8.33
CA ILE B 270 -44.65 16.03 9.55
C ILE B 270 -45.67 16.24 10.67
N ALA B 271 -46.88 16.64 10.32
CA ALA B 271 -47.96 16.79 11.30
C ALA B 271 -48.26 15.45 11.98
N CYS B 272 -48.27 14.38 11.21
CA CYS B 272 -48.53 13.04 11.74
C CYS B 272 -47.34 12.54 12.57
N LEU B 273 -46.12 12.84 12.13
CA LEU B 273 -44.95 12.49 12.94
C LEU B 273 -45.00 13.18 14.30
N ARG B 274 -45.47 14.42 14.33
CA ARG B 274 -45.62 15.16 15.59
C ARG B 274 -46.64 14.58 16.57
N THR B 275 -47.57 13.75 16.09
CA THR B 275 -48.57 13.12 16.96
C THR B 275 -48.04 11.90 17.70
N ARG B 276 -46.93 11.35 17.24
CA ARG B 276 -46.49 10.04 17.72
C ARG B 276 -45.69 10.17 19.03
N PRO B 277 -45.94 9.26 20.00
CA PRO B 277 -45.09 9.24 21.18
C PRO B 277 -43.61 9.10 20.81
N ALA B 278 -42.75 9.73 21.59
CA ALA B 278 -41.32 9.79 21.32
C ALA B 278 -40.71 8.41 21.12
N GLN B 279 -41.10 7.44 21.95
CA GLN B 279 -40.52 6.09 21.85
C GLN B 279 -40.87 5.38 20.53
N ASP B 280 -42.05 5.66 19.99
CA ASP B 280 -42.47 5.09 18.70
C ASP B 280 -41.49 5.44 17.58
N LEU B 281 -40.95 6.65 17.61
CA LEU B 281 -39.95 7.11 16.64
C LEU B 281 -38.61 6.42 16.86
N VAL B 282 -38.17 6.39 18.12
CA VAL B 282 -36.96 5.70 18.50
C VAL B 282 -36.99 4.19 18.21
N ASP B 283 -38.16 3.57 18.35
CA ASP B 283 -38.33 2.16 18.03
C ASP B 283 -37.95 1.80 16.59
N HIS B 284 -37.99 2.78 15.68
CA HIS B 284 -37.76 2.55 14.26
C HIS B 284 -36.56 3.32 13.68
N GLU B 285 -35.84 4.06 14.51
CA GLU B 285 -34.78 4.91 13.98
C GLU B 285 -33.62 4.09 13.39
N TRP B 286 -33.40 2.87 13.88
CA TRP B 286 -32.36 1.99 13.32
C TRP B 286 -32.81 1.16 12.13
N HIS B 287 -34.06 1.32 11.71
CA HIS B 287 -34.58 0.57 10.57
C HIS B 287 -34.49 1.33 9.24
N VAL B 288 -33.85 2.51 9.23
CA VAL B 288 -33.80 3.33 8.01
C VAL B 288 -32.42 3.42 7.33
N LEU B 289 -31.37 2.86 7.92
CA LEU B 289 -30.07 2.82 7.29
C LEU B 289 -30.11 1.95 6.03
N PRO B 290 -29.43 2.39 4.96
CA PRO B 290 -29.47 1.68 3.70
C PRO B 290 -28.73 0.34 3.68
N GLN B 291 -27.81 0.14 4.64
CA GLN B 291 -26.93 -1.04 4.68
C GLN B 291 -26.81 -1.60 6.09
N GLU B 292 -26.44 -2.88 6.17
CA GLU B 292 -25.97 -3.49 7.41
C GLU B 292 -24.60 -2.89 7.64
N SER B 293 -24.41 -2.21 8.76
CA SER B 293 -23.25 -1.36 8.93
C SER B 293 -22.91 -1.07 10.37
N ILE B 294 -21.68 -0.62 10.59
CA ILE B 294 -21.29 -0.06 11.87
C ILE B 294 -20.76 1.36 11.59
N PHE B 295 -20.71 2.18 12.63
CA PHE B 295 -20.28 3.58 12.54
C PHE B 295 -21.14 4.36 11.56
N ARG B 296 -22.44 4.09 11.60
CA ARG B 296 -23.42 4.80 10.78
C ARG B 296 -24.64 5.07 11.63
N PHE B 297 -25.20 6.26 11.45
CA PHE B 297 -26.24 6.77 12.33
C PHE B 297 -27.32 7.37 11.44
N SER B 298 -28.58 7.10 11.78
CA SER B 298 -29.70 7.34 10.88
C SER B 298 -30.01 8.81 10.66
N PHE B 299 -29.99 9.59 11.74
CA PHE B 299 -30.37 11.01 11.64
C PHE B 299 -29.22 11.87 12.13
N VAL B 300 -28.54 12.50 11.16
CA VAL B 300 -27.34 13.29 11.37
C VAL B 300 -27.49 14.60 10.58
N PRO B 301 -26.56 15.56 10.79
CA PRO B 301 -26.61 16.79 9.98
C PRO B 301 -26.80 16.54 8.49
N VAL B 302 -27.56 17.42 7.84
CA VAL B 302 -27.88 17.29 6.43
C VAL B 302 -27.28 18.45 5.68
N VAL B 303 -26.75 18.18 4.48
CA VAL B 303 -26.28 19.23 3.61
C VAL B 303 -27.52 19.90 3.01
N ASP B 304 -27.94 20.97 3.68
CA ASP B 304 -29.22 21.65 3.40
C ASP B 304 -29.09 22.89 2.50
N GLY B 305 -27.86 23.34 2.28
CA GLY B 305 -27.61 24.57 1.55
C GLY B 305 -27.97 25.78 2.40
N ASP B 306 -28.08 25.60 3.70
CA ASP B 306 -28.41 26.69 4.61
C ASP B 306 -27.41 26.69 5.76
N PHE B 307 -27.60 25.84 6.77
CA PHE B 307 -26.59 25.72 7.84
C PHE B 307 -25.26 25.33 7.22
N LEU B 308 -25.31 24.30 6.38
CA LEU B 308 -24.19 23.89 5.55
C LEU B 308 -24.47 24.32 4.12
N SER B 309 -23.79 25.37 3.68
CA SER B 309 -23.98 25.96 2.34
C SER B 309 -23.55 25.01 1.20
N ASP B 310 -22.66 24.08 1.53
CA ASP B 310 -22.20 23.05 0.59
C ASP B 310 -21.78 21.85 1.45
N THR B 311 -21.31 20.78 0.82
CA THR B 311 -20.76 19.65 1.55
C THR B 311 -19.55 20.12 2.37
N PRO B 312 -19.31 19.49 3.53
CA PRO B 312 -18.08 19.70 4.29
C PRO B 312 -16.83 19.60 3.45
N GLU B 313 -16.77 18.61 2.55
CA GLU B 313 -15.63 18.49 1.64
C GLU B 313 -15.39 19.78 0.87
N ALA B 314 -16.41 20.27 0.18
CA ALA B 314 -16.29 21.52 -0.57
C ALA B 314 -15.88 22.69 0.34
N LEU B 315 -16.50 22.77 1.51
CA LEU B 315 -16.28 23.89 2.43
C LEU B 315 -14.87 23.89 3.03
N ILE B 316 -14.32 22.72 3.34
CA ILE B 316 -12.96 22.67 3.86
C ILE B 316 -11.94 22.94 2.75
N ASN B 317 -12.25 22.55 1.51
CA ASN B 317 -11.33 22.80 0.38
C ASN B 317 -11.21 24.28 0.02
N THR B 318 -12.31 25.03 0.12
CA THR B 318 -12.32 26.43 -0.33
C THR B 318 -12.32 27.45 0.80
N GLY B 319 -12.37 26.99 2.04
CA GLY B 319 -12.50 27.89 3.17
C GLY B 319 -11.27 28.74 3.42
N ASP B 320 -11.50 29.87 4.09
CA ASP B 320 -10.44 30.70 4.61
C ASP B 320 -10.49 30.59 6.12
N PHE B 321 -9.39 30.10 6.71
CA PHE B 321 -9.33 29.81 8.13
C PHE B 321 -8.18 30.55 8.83
N GLN B 322 -7.83 31.74 8.33
CA GLN B 322 -6.64 32.45 8.81
C GLN B 322 -6.68 32.82 10.29
N ASP B 323 -7.81 33.27 10.78
CA ASP B 323 -7.87 33.76 12.16
C ASP B 323 -8.38 32.69 13.13
N LEU B 324 -8.02 31.44 12.86
CA LEU B 324 -8.52 30.30 13.60
C LEU B 324 -7.39 29.44 14.12
N GLN B 325 -7.44 29.07 15.39
CA GLN B 325 -6.58 28.00 15.92
C GLN B 325 -7.42 26.74 16.18
N VAL B 326 -6.88 25.57 15.81
CA VAL B 326 -7.54 24.29 15.99
C VAL B 326 -6.61 23.24 16.60
N LEU B 327 -7.11 22.51 17.60
CA LEU B 327 -6.44 21.32 18.14
C LEU B 327 -7.25 20.10 17.70
N VAL B 328 -6.60 19.13 17.05
CA VAL B 328 -7.29 17.92 16.58
C VAL B 328 -6.49 16.67 16.95
N GLY B 329 -7.19 15.57 17.13
CA GLY B 329 -6.50 14.31 17.30
C GLY B 329 -7.39 13.10 17.39
N VAL B 330 -6.74 11.97 17.64
CA VAL B 330 -7.33 10.64 17.60
C VAL B 330 -6.82 9.81 18.79
N VAL B 331 -7.52 8.74 19.14
CA VAL B 331 -7.03 7.75 20.11
C VAL B 331 -6.33 6.63 19.34
N LYS B 332 -5.58 5.80 20.06
CA LYS B 332 -4.79 4.74 19.43
C LYS B 332 -5.65 3.68 18.71
N ASP B 333 -6.85 3.40 19.20
CA ASP B 333 -7.69 2.34 18.60
C ASP B 333 -9.13 2.81 18.34
N GLU B 334 -9.29 3.66 17.34
CA GLU B 334 -10.58 4.29 17.04
C GLU B 334 -11.66 3.29 16.64
N GLY B 335 -11.29 2.24 15.93
CA GLY B 335 -12.27 1.32 15.37
C GLY B 335 -12.82 0.22 16.27
N SER B 336 -12.10 -0.15 17.33
CA SER B 336 -12.42 -1.34 18.15
C SER B 336 -13.82 -1.32 18.80
N TYR B 337 -14.18 -0.19 19.40
CA TYR B 337 -15.49 0.00 20.06
C TYR B 337 -16.67 -0.51 19.20
N PHE B 338 -16.62 -0.20 17.90
CA PHE B 338 -17.73 -0.39 16.98
C PHE B 338 -17.88 -1.81 16.47
N LEU B 339 -16.81 -2.59 16.55
CA LEU B 339 -16.81 -3.94 15.99
C LEU B 339 -17.79 -4.85 16.73
N VAL B 340 -17.92 -4.65 18.04
CA VAL B 340 -18.80 -5.46 18.88
C VAL B 340 -20.29 -5.16 18.65
N TYR B 341 -20.59 -4.08 17.92
CA TYR B 341 -21.96 -3.69 17.62
C TYR B 341 -22.48 -4.22 16.28
N GLY B 342 -21.87 -5.25 15.73
CA GLY B 342 -22.39 -5.81 14.47
C GLY B 342 -21.45 -6.54 13.53
N VAL B 343 -20.16 -6.60 13.85
CA VAL B 343 -19.25 -7.42 13.06
C VAL B 343 -19.13 -8.80 13.70
N PRO B 344 -19.61 -9.85 13.01
CA PRO B 344 -19.52 -11.19 13.58
C PRO B 344 -18.09 -11.63 13.89
N GLY B 345 -17.94 -12.34 15.01
CA GLY B 345 -16.64 -12.78 15.49
C GLY B 345 -16.12 -11.90 16.60
N PHE B 346 -16.73 -10.73 16.76
CA PHE B 346 -16.26 -9.73 17.71
C PHE B 346 -17.12 -9.65 18.96
N SER B 347 -16.46 -9.68 20.12
CA SER B 347 -17.13 -9.64 21.41
C SER B 347 -16.19 -9.08 22.45
N LYS B 348 -16.73 -8.37 23.44
CA LYS B 348 -15.97 -7.92 24.60
C LYS B 348 -15.55 -9.09 25.51
N ASP B 349 -16.20 -10.24 25.32
CA ASP B 349 -16.06 -11.38 26.25
C ASP B 349 -15.01 -12.41 25.84
N ASN B 350 -14.40 -12.24 24.67
CA ASN B 350 -13.26 -13.09 24.26
C ASN B 350 -12.22 -12.23 23.52
N GLU B 351 -11.14 -12.86 23.07
CA GLU B 351 -10.08 -12.17 22.33
C GLU B 351 -10.44 -11.80 20.88
N SER B 352 -11.61 -12.23 20.41
CA SER B 352 -12.14 -11.87 19.09
C SER B 352 -11.18 -12.20 17.94
N LEU B 353 -10.50 -13.34 18.06
CA LEU B 353 -9.59 -13.80 17.03
C LEU B 353 -10.43 -14.36 15.88
N ILE B 354 -10.31 -13.75 14.71
CA ILE B 354 -11.22 -14.00 13.60
C ILE B 354 -10.56 -14.68 12.39
N SER B 355 -11.37 -15.36 11.59
CA SER B 355 -10.90 -16.00 10.36
C SER B 355 -10.85 -14.98 9.23
N ARG B 356 -10.14 -15.34 8.16
CA ARG B 356 -10.11 -14.52 6.96
C ARG B 356 -11.51 -14.29 6.41
N ALA B 357 -12.35 -15.31 6.41
CA ALA B 357 -13.71 -15.19 5.93
C ALA B 357 -14.45 -14.10 6.70
N GLN B 358 -14.27 -14.11 8.01
CA GLN B 358 -14.89 -13.12 8.90
C GLN B 358 -14.35 -11.72 8.67
N PHE B 359 -13.10 -11.63 8.21
CA PHE B 359 -12.47 -10.35 7.89
C PHE B 359 -13.06 -9.73 6.62
N LEU B 360 -13.24 -10.53 5.58
CA LEU B 360 -13.81 -10.05 4.33
C LEU B 360 -15.27 -9.61 4.51
N ALA B 361 -16.00 -10.37 5.31
CA ALA B 361 -17.40 -10.05 5.61
C ALA B 361 -17.47 -8.79 6.43
N GLY B 362 -16.53 -8.67 7.38
CA GLY B 362 -16.43 -7.53 8.27
C GLY B 362 -16.18 -6.25 7.53
N VAL B 363 -15.33 -6.32 6.50
CA VAL B 363 -15.01 -5.15 5.68
C VAL B 363 -16.26 -4.56 4.99
N ARG B 364 -17.18 -5.43 4.56
CA ARG B 364 -18.41 -4.97 3.90
C ARG B 364 -19.31 -4.22 4.87
N ILE B 365 -19.34 -4.66 6.13
CA ILE B 365 -20.12 -3.99 7.18
C ILE B 365 -19.43 -2.71 7.66
N GLY B 366 -18.10 -2.77 7.79
CA GLY B 366 -17.28 -1.66 8.25
C GLY B 366 -17.07 -0.56 7.23
N VAL B 367 -17.18 -0.90 5.95
CA VAL B 367 -17.08 0.08 4.86
C VAL B 367 -18.29 -0.09 3.94
N PRO B 368 -19.50 0.22 4.45
CA PRO B 368 -20.77 -0.17 3.85
C PRO B 368 -21.12 0.49 2.52
N GLN B 369 -20.53 1.66 2.23
CA GLN B 369 -20.79 2.31 0.95
C GLN B 369 -19.83 1.84 -0.14
N ALA B 370 -18.89 0.97 0.22
CA ALA B 370 -17.86 0.49 -0.72
C ALA B 370 -18.43 -0.52 -1.72
N SER B 371 -18.04 -0.35 -2.97
CA SER B 371 -18.33 -1.32 -4.02
C SER B 371 -17.53 -2.60 -3.77
N ASP B 372 -17.85 -3.64 -4.53
CA ASP B 372 -17.11 -4.89 -4.45
C ASP B 372 -15.62 -4.61 -4.65
N LEU B 373 -15.29 -3.88 -5.73
CA LEU B 373 -13.89 -3.59 -6.05
C LEU B 373 -13.18 -2.76 -4.97
N ALA B 374 -13.86 -1.74 -4.45
CA ALA B 374 -13.31 -0.91 -3.38
C ALA B 374 -13.03 -1.75 -2.14
N ALA B 375 -13.96 -2.65 -1.83
CA ALA B 375 -13.82 -3.53 -0.67
C ALA B 375 -12.63 -4.46 -0.87
N GLU B 376 -12.48 -5.00 -2.08
CA GLU B 376 -11.29 -5.81 -2.43
C GLU B 376 -10.00 -5.00 -2.24
N ALA B 377 -10.01 -3.74 -2.67
CA ALA B 377 -8.85 -2.87 -2.45
C ALA B 377 -8.56 -2.72 -0.96
N VAL B 378 -9.61 -2.60 -0.15
CA VAL B 378 -9.44 -2.47 1.30
C VAL B 378 -8.81 -3.73 1.88
N VAL B 379 -9.36 -4.89 1.51
CA VAL B 379 -8.88 -6.17 2.03
C VAL B 379 -7.42 -6.38 1.66
N LEU B 380 -7.07 -6.02 0.43
CA LEU B 380 -5.73 -6.27 -0.05
C LEU B 380 -4.71 -5.31 0.59
N HIS B 381 -5.15 -4.09 0.89
CA HIS B 381 -4.30 -3.10 1.57
C HIS B 381 -4.00 -3.46 3.01
N TYR B 382 -5.02 -3.93 3.73
CA TYR B 382 -4.92 -4.19 5.17
C TYR B 382 -4.50 -5.60 5.55
N THR B 383 -4.58 -6.53 4.60
CA THR B 383 -3.97 -7.83 4.78
C THR B 383 -2.46 -7.70 4.91
N ASP B 384 -1.90 -8.34 5.93
CA ASP B 384 -0.46 -8.56 6.05
C ASP B 384 -0.14 -9.81 5.26
N TRP B 385 0.45 -9.63 4.08
CA TRP B 385 0.67 -10.75 3.17
C TRP B 385 1.80 -11.71 3.61
N LEU B 386 2.51 -11.35 4.67
CA LEU B 386 3.35 -12.32 5.37
C LEU B 386 2.54 -13.23 6.30
N HIS B 387 1.46 -12.71 6.87
CA HIS B 387 0.59 -13.48 7.76
C HIS B 387 -0.88 -13.27 7.38
N PRO B 388 -1.27 -13.68 6.16
CA PRO B 388 -2.59 -13.39 5.62
C PRO B 388 -3.78 -14.03 6.34
N GLU B 389 -3.54 -15.13 7.04
CA GLU B 389 -4.64 -15.82 7.75
C GLU B 389 -4.46 -15.82 9.26
N ASP B 390 -3.51 -15.05 9.78
CA ASP B 390 -3.32 -14.94 11.23
C ASP B 390 -4.48 -14.18 11.88
N PRO B 391 -5.21 -14.82 12.81
CA PRO B 391 -6.39 -14.19 13.41
C PRO B 391 -6.13 -12.89 14.19
N THR B 392 -5.01 -12.83 14.91
CA THR B 392 -4.64 -11.60 15.63
C THR B 392 -4.45 -10.43 14.66
N HIS B 393 -3.72 -10.68 13.57
CA HIS B 393 -3.49 -9.66 12.54
C HIS B 393 -4.84 -9.24 11.93
N LEU B 394 -5.68 -10.23 11.64
CA LEU B 394 -6.97 -9.97 11.00
C LEU B 394 -7.91 -9.17 11.92
N ARG B 395 -7.92 -9.54 13.20
CA ARG B 395 -8.70 -8.79 14.20
C ARG B 395 -8.24 -7.32 14.31
N ASP B 396 -6.93 -7.10 14.38
CA ASP B 396 -6.37 -5.75 14.49
C ASP B 396 -6.50 -4.94 13.18
N ALA B 397 -6.48 -5.63 12.04
CA ALA B 397 -6.72 -4.99 10.75
C ALA B 397 -8.18 -4.51 10.62
N MET B 398 -9.12 -5.32 11.10
CA MET B 398 -10.54 -4.96 11.06
C MET B 398 -10.79 -3.67 11.86
N SER B 399 -10.26 -3.62 13.07
CA SER B 399 -10.29 -2.40 13.88
C SER B 399 -9.70 -1.22 13.11
N ALA B 400 -8.50 -1.41 12.59
CA ALA B 400 -7.80 -0.39 11.80
C ALA B 400 -8.62 0.14 10.64
N VAL B 401 -9.23 -0.75 9.87
CA VAL B 401 -10.08 -0.34 8.75
C VAL B 401 -11.20 0.62 9.19
N VAL B 402 -11.87 0.27 10.30
CA VAL B 402 -13.01 1.03 10.78
C VAL B 402 -12.54 2.39 11.35
N GLY B 403 -11.44 2.38 12.10
CA GLY B 403 -10.88 3.62 12.65
C GLY B 403 -10.32 4.60 11.62
N ASP B 404 -9.61 4.07 10.63
CA ASP B 404 -9.01 4.89 9.61
C ASP B 404 -10.06 5.52 8.71
N HIS B 405 -10.97 4.69 8.22
CA HIS B 405 -12.07 5.12 7.34
C HIS B 405 -12.93 6.21 7.99
N ASN B 406 -13.28 6.02 9.26
CA ASN B 406 -14.25 6.88 9.92
C ASN B 406 -13.63 8.04 10.71
N VAL B 407 -12.42 7.89 11.22
CA VAL B 407 -11.80 8.94 12.07
C VAL B 407 -10.39 9.39 11.64
N VAL B 408 -9.42 8.48 11.62
CA VAL B 408 -8.02 8.91 11.46
C VAL B 408 -7.82 9.65 10.16
N CYS B 409 -8.32 9.09 9.07
CA CYS B 409 -8.06 9.68 7.78
C CYS B 409 -8.89 10.95 7.52
N PRO B 410 -10.18 10.95 7.89
CA PRO B 410 -10.91 12.22 7.91
C PRO B 410 -10.23 13.32 8.73
N VAL B 411 -9.69 12.96 9.90
CA VAL B 411 -8.91 13.92 10.72
C VAL B 411 -7.65 14.41 9.98
N ALA B 412 -6.91 13.50 9.36
CA ALA B 412 -5.70 13.87 8.62
C ALA B 412 -6.08 14.82 7.49
N GLN B 413 -7.19 14.53 6.82
CA GLN B 413 -7.65 15.37 5.74
C GLN B 413 -8.01 16.78 6.18
N LEU B 414 -8.80 16.90 7.24
CA LEU B 414 -9.17 18.18 7.81
C LEU B 414 -7.93 18.95 8.27
N ALA B 415 -7.07 18.30 9.02
CA ALA B 415 -5.85 18.90 9.53
C ALA B 415 -5.10 19.54 8.40
N GLY B 416 -4.91 18.80 7.30
CA GLY B 416 -4.14 19.31 6.17
C GLY B 416 -4.77 20.50 5.46
N ARG B 417 -6.08 20.44 5.25
CA ARG B 417 -6.79 21.53 4.58
C ARG B 417 -6.86 22.78 5.46
N LEU B 418 -7.11 22.60 6.76
CA LEU B 418 -7.11 23.74 7.68
C LEU B 418 -5.77 24.46 7.68
N ALA B 419 -4.67 23.70 7.72
CA ALA B 419 -3.32 24.25 7.71
C ALA B 419 -2.99 24.95 6.39
N ALA B 420 -3.29 24.30 5.27
CA ALA B 420 -3.06 24.88 3.93
C ALA B 420 -3.82 26.20 3.75
N GLN B 421 -5.00 26.29 4.33
CA GLN B 421 -5.84 27.47 4.19
C GLN B 421 -5.75 28.45 5.36
N GLY B 422 -4.61 28.43 6.03
CA GLY B 422 -4.24 29.52 6.96
C GLY B 422 -4.49 29.32 8.44
N ALA B 423 -5.10 28.20 8.83
CA ALA B 423 -5.33 27.94 10.26
C ALA B 423 -4.06 27.50 10.98
N ARG B 424 -4.04 27.75 12.29
CA ARG B 424 -3.02 27.24 13.18
C ARG B 424 -3.51 25.93 13.76
N VAL B 425 -2.83 24.84 13.42
CA VAL B 425 -3.29 23.50 13.77
C VAL B 425 -2.28 22.78 14.67
N TYR B 426 -2.77 22.17 15.73
CA TYR B 426 -1.99 21.22 16.56
C TYR B 426 -2.68 19.86 16.54
N ALA B 427 -1.91 18.78 16.43
CA ALA B 427 -2.48 17.42 16.36
C ALA B 427 -1.81 16.48 17.34
N TYR B 428 -2.59 15.48 17.76
CA TYR B 428 -2.16 14.50 18.75
C TYR B 428 -2.68 13.09 18.44
N ILE B 429 -1.97 12.10 18.95
CA ILE B 429 -2.52 10.77 19.15
C ILE B 429 -2.46 10.45 20.63
N PHE B 430 -3.58 9.96 21.17
CA PHE B 430 -3.72 9.62 22.57
C PHE B 430 -3.57 8.11 22.72
N GLU B 431 -2.56 7.69 23.48
CA GLU B 431 -2.15 6.28 23.50
C GLU B 431 -2.18 5.62 24.87
N HIS B 432 -2.71 6.31 25.88
CA HIS B 432 -2.74 5.75 27.21
C HIS B 432 -4.07 5.04 27.47
N ARG B 433 -3.98 3.78 27.87
CA ARG B 433 -5.13 2.97 28.20
C ARG B 433 -5.40 3.08 29.70
N ALA B 434 -6.58 3.61 30.06
CA ALA B 434 -6.94 3.78 31.46
C ALA B 434 -6.77 2.48 32.25
N SER B 435 -6.12 2.58 33.41
CA SER B 435 -5.94 1.43 34.29
C SER B 435 -7.29 0.82 34.69
N THR B 436 -8.31 1.66 34.73
CA THR B 436 -9.65 1.26 35.17
C THR B 436 -10.61 0.86 34.03
N LEU B 437 -10.09 0.69 32.81
CA LEU B 437 -10.92 0.35 31.64
C LEU B 437 -11.49 -1.04 31.79
N THR B 438 -12.78 -1.20 31.51
CA THR B 438 -13.48 -2.48 31.70
C THR B 438 -13.64 -3.27 30.40
N TRP B 439 -13.34 -2.64 29.26
CA TRP B 439 -13.29 -3.35 27.98
C TRP B 439 -12.05 -4.23 27.94
N PRO B 440 -12.07 -5.31 27.13
CA PRO B 440 -10.90 -6.20 27.10
C PRO B 440 -9.66 -5.56 26.47
N LEU B 441 -8.50 -6.18 26.71
CA LEU B 441 -7.22 -5.64 26.25
C LEU B 441 -7.12 -5.47 24.74
N TRP B 442 -7.71 -6.40 23.98
CA TRP B 442 -7.58 -6.36 22.52
C TRP B 442 -8.15 -5.07 21.93
N MET B 443 -9.10 -4.44 22.62
CA MET B 443 -9.71 -3.20 22.13
C MET B 443 -8.78 -1.98 22.29
N GLY B 444 -7.71 -2.14 23.07
CA GLY B 444 -6.67 -1.14 23.21
C GLY B 444 -7.13 0.14 23.88
N VAL B 445 -6.95 1.27 23.21
CA VAL B 445 -7.41 2.57 23.70
C VAL B 445 -8.59 2.97 22.82
N PRO B 446 -9.82 2.65 23.26
CA PRO B 446 -10.98 2.87 22.39
C PRO B 446 -11.48 4.30 22.29
N HIS B 447 -12.29 4.50 21.26
CA HIS B 447 -13.03 5.73 20.99
C HIS B 447 -13.73 6.23 22.25
N GLY B 448 -13.33 7.40 22.76
CA GLY B 448 -13.99 8.01 23.90
C GLY B 448 -13.21 8.00 25.20
N TYR B 449 -12.17 7.17 25.28
CA TYR B 449 -11.49 6.92 26.58
C TYR B 449 -10.31 7.85 26.91
N GLU B 450 -10.19 8.93 26.13
CA GLU B 450 -9.35 10.07 26.50
C GLU B 450 -10.12 11.10 27.35
N ILE B 451 -11.44 11.12 27.19
CA ILE B 451 -12.25 12.23 27.69
C ILE B 451 -12.09 12.37 29.20
N GLU B 452 -12.17 11.24 29.90
CA GLU B 452 -12.05 11.24 31.37
C GLU B 452 -10.75 11.88 31.90
N PHE B 453 -9.69 11.82 31.11
CA PHE B 453 -8.40 12.43 31.45
C PHE B 453 -8.34 13.94 31.20
N ILE B 454 -8.89 14.38 30.07
CA ILE B 454 -8.98 15.81 29.73
C ILE B 454 -9.83 16.57 30.76
N PHE B 455 -10.94 15.96 31.18
CA PHE B 455 -11.81 16.56 32.21
C PHE B 455 -11.22 16.46 33.61
N GLY B 456 -10.27 15.55 33.79
CA GLY B 456 -9.47 15.49 35.02
C GLY B 456 -10.04 14.64 36.12
N LEU B 457 -10.79 13.61 35.76
CA LEU B 457 -11.38 12.69 36.73
C LEU B 457 -10.36 11.95 37.59
N PRO B 458 -9.21 11.56 37.02
CA PRO B 458 -8.18 10.94 37.87
C PRO B 458 -7.73 11.75 39.09
N LEU B 459 -8.04 13.04 39.14
CA LEU B 459 -7.76 13.86 40.32
C LEU B 459 -8.67 13.57 41.52
N ASP B 460 -9.74 12.80 41.28
CA ASP B 460 -10.64 12.33 42.33
C ASP B 460 -10.11 10.98 42.88
N PRO B 461 -9.64 10.98 44.15
CA PRO B 461 -9.02 9.75 44.71
C PRO B 461 -9.97 8.57 44.85
N SER B 462 -11.27 8.85 44.96
CA SER B 462 -12.29 7.79 45.08
C SER B 462 -12.41 6.91 43.83
N LEU B 463 -11.91 7.39 42.69
CA LEU B 463 -12.08 6.70 41.40
C LEU B 463 -10.96 5.71 41.08
N ASN B 464 -9.90 5.70 41.89
CA ASN B 464 -8.88 4.64 41.86
C ASN B 464 -8.00 4.59 40.60
N TYR B 465 -7.68 5.75 40.04
CA TYR B 465 -6.66 5.84 39.01
C TYR B 465 -5.30 5.88 39.70
N THR B 466 -4.25 5.55 38.96
CA THR B 466 -2.89 5.59 39.50
C THR B 466 -2.39 7.03 39.68
N THR B 467 -1.31 7.16 40.44
CA THR B 467 -0.62 8.45 40.62
C THR B 467 -0.10 9.00 39.30
N GLU B 468 0.43 8.10 38.47
CA GLU B 468 0.97 8.45 37.16
C GLU B 468 -0.15 9.04 36.27
N GLU B 469 -1.33 8.42 36.32
CA GLU B 469 -2.51 8.87 35.58
C GLU B 469 -3.04 10.24 36.01
N ARG B 470 -2.91 10.52 37.30
CA ARG B 470 -3.33 11.79 37.85
C ARG B 470 -2.39 12.91 37.39
N ILE B 471 -1.09 12.65 37.39
CA ILE B 471 -0.09 13.59 36.84
C ILE B 471 -0.32 13.82 35.35
N PHE B 472 -0.64 12.74 34.63
CA PHE B 472 -0.94 12.78 33.20
C PHE B 472 -2.20 13.62 32.90
N ALA B 473 -3.26 13.41 33.66
CA ALA B 473 -4.47 14.22 33.54
C ALA B 473 -4.17 15.71 33.70
N GLN B 474 -3.39 16.03 34.75
CA GLN B 474 -3.01 17.41 35.02
C GLN B 474 -2.29 18.01 33.80
N ARG B 475 -1.39 17.24 33.21
CA ARG B 475 -0.72 17.62 31.98
C ARG B 475 -1.71 17.96 30.86
N LEU B 476 -2.71 17.09 30.66
CA LEU B 476 -3.67 17.25 29.57
C LEU B 476 -4.59 18.44 29.77
N MET B 477 -5.06 18.59 31.00
CA MET B 477 -5.86 19.74 31.40
C MET B 477 -5.14 21.03 31.08
N LYS B 478 -3.83 21.04 31.29
CA LYS B 478 -2.97 22.18 30.97
C LYS B 478 -2.84 22.44 29.48
N TYR B 479 -2.68 21.38 28.68
CA TYR B 479 -2.58 21.53 27.23
C TYR B 479 -3.87 22.16 26.70
N TRP B 480 -4.98 21.57 27.12
CA TRP B 480 -6.31 22.02 26.69
C TRP B 480 -6.64 23.46 27.13
N THR B 481 -6.35 23.80 28.38
CA THR B 481 -6.65 25.13 28.88
C THR B 481 -5.65 26.16 28.35
N ASN B 482 -4.39 25.77 28.19
CA ASN B 482 -3.41 26.64 27.53
C ASN B 482 -3.84 26.97 26.13
N PHE B 483 -4.30 25.95 25.40
CA PHE B 483 -4.86 26.16 24.09
C PHE B 483 -6.05 27.15 24.14
N ALA B 484 -6.95 26.97 25.11
CA ALA B 484 -8.08 27.89 25.27
C ALA B 484 -7.65 29.34 25.51
N ARG B 485 -6.63 29.53 26.36
CA ARG B 485 -6.13 30.86 26.71
C ARG B 485 -5.41 31.56 25.56
N THR B 486 -4.58 30.80 24.82
CA THR B 486 -3.62 31.36 23.88
C THR B 486 -3.74 30.89 22.42
N GLY B 487 -4.45 29.79 22.16
CA GLY B 487 -4.42 29.17 20.85
C GLY B 487 -3.17 28.34 20.61
N ASP B 488 -2.48 27.99 21.69
CA ASP B 488 -1.21 27.26 21.66
C ASP B 488 -1.18 26.39 22.92
N PRO B 489 -1.13 25.06 22.78
CA PRO B 489 -1.20 24.18 23.95
C PRO B 489 0.08 24.11 24.80
N ASN B 490 1.16 24.73 24.34
CA ASN B 490 2.42 24.69 25.08
C ASN B 490 2.39 25.54 26.34
N ASP B 491 3.16 25.15 27.34
CA ASP B 491 3.22 25.84 28.63
C ASP B 491 4.20 27.04 28.54
N PRO B 492 3.68 28.29 28.51
CA PRO B 492 4.45 29.49 28.16
C PRO B 492 5.39 30.05 29.24
N ARG B 493 5.08 29.79 30.51
CA ARG B 493 5.99 30.16 31.60
C ARG B 493 7.09 29.11 31.68
N ASP B 494 6.78 27.90 31.19
CA ASP B 494 7.68 26.76 31.24
C ASP B 494 8.64 26.71 30.04
N SER B 495 9.94 26.77 30.31
CA SER B 495 10.93 26.21 29.39
C SER B 495 11.05 24.71 29.67
N LYS B 496 11.97 24.03 28.99
CA LYS B 496 11.97 22.56 28.96
C LYS B 496 10.58 22.11 28.53
N SER B 497 10.53 21.42 27.40
CA SER B 497 9.28 20.92 26.89
C SER B 497 9.31 19.36 26.80
N PRO B 498 9.54 18.74 25.61
CA PRO B 498 9.79 19.19 24.25
C PRO B 498 8.55 19.90 23.74
N GLN B 499 8.73 20.85 22.84
CA GLN B 499 7.62 21.69 22.43
C GLN B 499 6.69 20.89 21.52
N TRP B 500 5.41 21.18 21.60
CA TRP B 500 4.42 20.65 20.68
C TRP B 500 4.40 21.57 19.44
N PRO B 501 4.93 21.09 18.28
CA PRO B 501 4.95 21.96 17.11
C PRO B 501 3.60 21.99 16.39
N PRO B 502 3.30 23.08 15.68
CA PRO B 502 2.12 23.09 14.83
C PRO B 502 2.14 22.01 13.72
N TYR B 503 0.98 21.45 13.42
CA TYR B 503 0.80 20.56 12.29
C TYR B 503 0.80 21.38 11.01
N THR B 504 1.55 20.91 10.02
CA THR B 504 1.70 21.55 8.72
C THR B 504 1.62 20.49 7.62
N THR B 505 1.28 20.90 6.40
CA THR B 505 1.17 19.95 5.29
C THR B 505 2.56 19.43 4.87
N ALA B 506 3.58 20.28 4.99
CA ALA B 506 4.95 19.87 4.67
C ALA B 506 5.43 18.80 5.65
N ALA B 507 5.47 19.15 6.94
CA ALA B 507 6.15 18.34 7.96
C ALA B 507 5.21 17.35 8.65
N GLN B 508 3.92 17.67 8.70
CA GLN B 508 2.91 16.75 9.22
C GLN B 508 3.18 16.28 10.67
N GLN B 509 3.68 17.21 11.49
CA GLN B 509 4.07 16.88 12.86
C GLN B 509 2.89 16.85 13.83
N TYR B 510 2.88 15.81 14.66
CA TYR B 510 1.91 15.65 15.75
C TYR B 510 2.61 15.04 16.95
N VAL B 511 1.94 14.98 18.09
CA VAL B 511 2.55 14.43 19.30
C VAL B 511 1.76 13.24 19.87
N SER B 512 2.50 12.33 20.52
CA SER B 512 1.91 11.26 21.30
C SER B 512 1.57 11.79 22.70
N LEU B 513 0.34 11.57 23.12
CA LEU B 513 -0.09 11.88 24.48
C LEU B 513 -0.20 10.56 25.23
N ASN B 514 0.79 10.29 26.09
CA ASN B 514 0.81 9.11 26.94
C ASN B 514 1.58 9.44 28.23
N LEU B 515 1.91 8.44 29.03
CA LEU B 515 2.55 8.68 30.32
C LEU B 515 3.97 9.26 30.16
N LYS B 516 4.61 8.96 29.04
CA LYS B 516 5.94 9.48 28.74
C LYS B 516 5.86 10.94 28.31
N PRO B 517 6.98 11.68 28.35
CA PRO B 517 6.98 13.06 27.82
C PRO B 517 6.61 13.09 26.34
N LEU B 518 6.05 14.20 25.87
CA LEU B 518 5.66 14.35 24.47
C LEU B 518 6.77 13.90 23.53
N GLU B 519 6.39 13.13 22.51
CA GLU B 519 7.28 12.73 21.44
C GLU B 519 6.68 13.26 20.13
N VAL B 520 7.49 13.91 19.31
CA VAL B 520 7.01 14.45 18.04
C VAL B 520 7.15 13.40 16.95
N ARG B 521 6.06 13.15 16.23
CA ARG B 521 6.07 12.23 15.09
C ARG B 521 5.63 12.95 13.85
N ARG B 522 5.87 12.34 12.70
CA ARG B 522 5.54 12.96 11.42
C ARG B 522 4.63 12.03 10.60
N GLY B 523 3.53 12.59 10.11
CA GLY B 523 2.62 11.88 9.22
C GLY B 523 1.64 11.01 9.96
N LEU B 524 0.37 11.41 9.98
CA LEU B 524 -0.71 10.60 10.58
C LEU B 524 -1.16 9.54 9.60
N ARG B 525 -0.70 8.30 9.78
CA ARG B 525 -0.99 7.22 8.84
C ARG B 525 -0.85 7.69 7.40
N ALA B 526 0.29 8.31 7.06
CA ALA B 526 0.37 9.06 5.80
C ALA B 526 0.06 8.19 4.58
N GLN B 527 0.64 6.99 4.52
CA GLN B 527 0.49 6.10 3.36
C GLN B 527 -0.90 5.55 3.25
N THR B 528 -1.43 5.06 4.37
CA THR B 528 -2.77 4.48 4.40
C THR B 528 -3.83 5.55 4.16
N CYS B 529 -3.64 6.75 4.72
CA CYS B 529 -4.62 7.81 4.48
C CYS B 529 -4.60 8.33 3.04
N ALA B 530 -3.47 8.20 2.35
CA ALA B 530 -3.42 8.48 0.90
C ALA B 530 -4.35 7.54 0.12
N PHE B 531 -4.41 6.29 0.56
CA PHE B 531 -5.33 5.30 0.01
C PHE B 531 -6.80 5.71 0.20
N TRP B 532 -7.20 6.00 1.43
CA TRP B 532 -8.59 6.41 1.71
C TRP B 532 -8.93 7.77 1.10
N ASN B 533 -8.01 8.73 1.18
CA ASN B 533 -8.32 10.12 0.82
C ASN B 533 -8.02 10.50 -0.62
N ARG B 534 -7.09 9.79 -1.25
CA ARG B 534 -6.74 10.07 -2.64
C ARG B 534 -7.17 8.97 -3.60
N PHE B 535 -6.87 7.71 -3.29
CA PHE B 535 -7.15 6.66 -4.27
C PHE B 535 -8.62 6.25 -4.34
N LEU B 536 -9.22 5.93 -3.21
CA LEU B 536 -10.59 5.43 -3.25
C LEU B 536 -11.59 6.39 -3.92
N PRO B 537 -11.50 7.70 -3.61
CA PRO B 537 -12.31 8.66 -4.38
C PRO B 537 -12.07 8.62 -5.89
N LYS B 538 -10.81 8.50 -6.34
CA LYS B 538 -10.49 8.35 -7.77
C LYS B 538 -11.18 7.11 -8.35
N LEU B 539 -11.19 6.03 -7.58
CA LEU B 539 -11.83 4.79 -8.00
C LEU B 539 -13.32 5.01 -8.19
N LEU B 540 -13.91 5.74 -7.26
CA LEU B 540 -15.36 6.01 -7.23
C LEU B 540 -15.79 6.78 -8.48
N SER B 541 -15.18 7.94 -8.68
CA SER B 541 -15.44 8.78 -9.85
C SER B 541 -14.64 8.27 -11.04
N ALA B 542 -15.20 7.29 -11.75
CA ALA B 542 -14.47 6.47 -12.73
C ALA B 542 -15.21 5.14 -12.86
N THR B 543 -15.60 4.58 -11.73
CA THR B 543 -16.57 3.49 -11.69
C THR B 543 -17.98 4.09 -11.80
#